data_1PO1
#
_entry.id   1PO1
#
_cell.length_a   322.940
_cell.length_b   358.040
_cell.length_c   380.150
_cell.angle_alpha   90.00
_cell.angle_beta   90.00
_cell.angle_gamma   90.00
#
_symmetry.space_group_name_H-M   'P 21 21 2'
#
loop_
_entity.id
_entity.type
_entity.pdbx_description
1 polymer 'POLIOVIRUS TYPE 1 MAHONEY'
2 polymer 'POLIOVIRUS TYPE 1 MAHONEY'
3 polymer 'POLIOVIRUS TYPE 1 MAHONEY'
4 polymer 'POLIOVIRUS TYPE 1 MAHONEY'
5 polymer 'POLIOVIRUS TYPE 1 MAHONEY'
6 non-polymer '(METHYLPYRIDAZINE PIPERIDINE BUTYLOXYPHENYL)ETHYLACETATE'
7 non-polymer 'MYRISTIC ACID'
#
loop_
_entity_poly.entity_id
_entity_poly.type
_entity_poly.pdbx_seq_one_letter_code
_entity_poly.pdbx_strand_id
1 'polypeptide(L)' GSSST 0
2 'polypeptide(L)'
;GLGQMLESMIDNTVRETVGAATSRDALPNTEASGPTHSKEIPALTAVETGATNPLVPSDTVQTRHVVQHRSRSESSIESF
FARGACVTIMTVDNPASTTNKDKLFAVWKITYKDTVQLRRKLEFFTYSRFDMELTFVVTANFTETNNGHALNQVYQIMYV
PPGAPVPEKWDDYTWQTSSNPSIFYTYGTAPARISVPYVGISNAYSHFYDGFSKVPLKDQSAALGDSLYGAASLNDFGIL
AVRVVNDHNPTKVTSKIRVYLKPKHIRVWCPRPPRAVAYYGPGVDYKDGTLTPLSTKDLTTY
;
1
3 'polypeptide(L)'
;SPNIEACGYSDRVLQLTLGNSTITTQEAANSVVAYGRWPEYLRDSEANPVDQPTEPDVAACRFYTLDTVSWTKESRGWWW
KLPDALRDMGLFGQNMYYHYLGRSGYTVHVQCNASKFHQGALGVFAVPEMCLAGDSNTTTMHTSYQNANPGEKGGTFTGT
FTPDNNQTSPARRFCPVDYLLGNGTLLGNAFVFPHQIINLRTNNCATLVLPYVNSLSIDSMVKHNNWGIAILPLAPLNFA
SESSPEIPITLTIAPMCCEFNGLRNITLPRLQ
;
2
4 'polypeptide(L)'
;GLPVMNTPGSNQYLTADNFQSPCALPEFDVTPPIDIPGEVKNMMELAEIDTMIPFDLSATKKNTMEMYRVRLSDKPHTDD
PILCLSLSPASDPRLSHTMLGEILNYYTHWAGSLKFTFLFCGSMMATGKLLVSYAPPGADPPKKRKEAMLGTHVIWDIGL
QSSCTMVVPWISNTTYRQTIDDSFTEGGYISVFYQTRIVVPLSTPREMDILGFVSACNDFSVRLLRDTTHIEQKALAQ
;
3
5 'polypeptide(L)' GAQVSSQKVGAHENSNRAYGGSTINYTTINYYRDSASNAASKQDFSQDPSKFTEPIKDVLIKTAPMLN 4
#
loop_
_chem_comp.id
_chem_comp.type
_chem_comp.name
_chem_comp.formula
J80 non-polymer '(METHYLPYRIDAZINE PIPERIDINE BUTYLOXYPHENYL)ETHYLACETATE' 'C23 H31 N3 O3'
MYR non-polymer 'MYRISTIC ACID' 'C14 H28 O2'
#
# COMPACT_ATOMS: atom_id res chain seq x y z
N GLY A 1 -31.67 27.12 13.52
CA GLY A 1 -32.56 26.00 13.79
C GLY A 1 -32.18 24.60 13.22
N SER A 2 -33.07 23.95 12.46
CA SER A 2 -32.80 22.61 11.90
C SER A 2 -32.03 22.57 10.56
N SER A 3 -30.73 22.36 10.47
CA SER A 3 -30.12 22.18 9.13
C SER A 3 -30.47 20.77 8.56
N SER A 4 -31.48 20.67 7.68
CA SER A 4 -31.83 19.40 7.06
C SER A 4 -30.87 18.89 5.98
N THR A 5 -30.90 17.60 5.62
CA THR A 5 -30.00 17.04 4.61
C THR A 5 -30.64 15.88 3.84
N ALA B 20 -19.89 13.89 -6.87
CA ALA B 20 -21.23 13.66 -6.30
C ALA B 20 -21.55 12.20 -6.01
N ALA B 21 -20.63 11.25 -6.32
CA ALA B 21 -20.87 9.85 -6.01
C ALA B 21 -20.73 9.49 -4.55
N THR B 22 -21.81 9.34 -3.80
CA THR B 22 -21.73 8.84 -2.42
C THR B 22 -21.26 7.40 -2.28
N SER B 23 -20.45 7.14 -1.25
CA SER B 23 -20.04 5.79 -0.82
C SER B 23 -21.18 4.75 -0.78
N ARG B 24 -22.34 5.14 -0.23
CA ARG B 24 -23.47 4.25 -0.20
C ARG B 24 -24.38 4.25 -1.44
N ASP B 25 -23.92 4.81 -2.55
CA ASP B 25 -24.67 4.69 -3.80
C ASP B 25 -24.49 3.31 -4.38
N ALA B 26 -25.50 2.84 -5.07
CA ALA B 26 -25.43 1.55 -5.74
C ALA B 26 -24.44 1.55 -6.89
N LEU B 27 -23.82 0.41 -7.11
CA LEU B 27 -22.88 0.21 -8.21
C LEU B 27 -23.57 0.19 -9.58
N PRO B 28 -22.90 0.28 -10.73
CA PRO B 28 -23.56 0.30 -12.03
C PRO B 28 -24.35 -0.94 -12.39
N ASN B 29 -25.50 -0.71 -13.01
CA ASN B 29 -26.32 -1.80 -13.56
C ASN B 29 -25.65 -2.57 -14.68
N THR B 30 -25.95 -3.85 -14.76
CA THR B 30 -25.46 -4.62 -15.90
C THR B 30 -26.41 -4.42 -17.06
N GLU B 31 -25.84 -3.99 -18.16
CA GLU B 31 -26.63 -3.82 -19.37
C GLU B 31 -26.68 -5.08 -20.22
N ALA B 32 -27.82 -5.32 -20.85
CA ALA B 32 -27.95 -6.49 -21.72
C ALA B 32 -27.03 -6.39 -22.93
N SER B 33 -26.31 -7.45 -23.25
CA SER B 33 -25.41 -7.47 -24.38
C SER B 33 -25.62 -8.62 -25.34
N GLY B 34 -25.60 -8.39 -26.64
CA GLY B 34 -25.85 -9.44 -27.63
C GLY B 34 -24.62 -10.05 -28.31
N PRO B 35 -24.72 -10.84 -29.38
CA PRO B 35 -23.58 -11.36 -30.10
C PRO B 35 -22.73 -10.30 -30.78
N THR B 36 -21.47 -10.61 -31.09
CA THR B 36 -20.56 -9.65 -31.73
C THR B 36 -19.67 -10.23 -32.82
N HIS B 37 -19.48 -9.54 -33.95
CA HIS B 37 -18.53 -9.95 -35.00
C HIS B 37 -17.92 -8.63 -35.46
N SER B 38 -16.94 -8.13 -34.73
CA SER B 38 -16.44 -6.77 -34.91
C SER B 38 -14.91 -6.59 -35.00
N LYS B 39 -14.48 -5.41 -35.46
CA LYS B 39 -13.09 -5.03 -35.38
C LYS B 39 -12.69 -4.38 -34.05
N GLU B 40 -13.64 -4.16 -33.14
CA GLU B 40 -13.38 -3.71 -31.81
C GLU B 40 -12.87 -4.84 -30.95
N ILE B 41 -11.74 -4.65 -30.27
CA ILE B 41 -11.12 -5.72 -29.53
C ILE B 41 -10.93 -5.57 -28.00
N PRO B 42 -11.96 -5.33 -27.17
CA PRO B 42 -11.81 -5.10 -25.72
C PRO B 42 -10.95 -6.12 -24.95
N ALA B 43 -11.08 -7.37 -25.32
CA ALA B 43 -10.34 -8.46 -24.69
C ALA B 43 -8.81 -8.39 -24.86
N LEU B 44 -8.35 -7.80 -25.95
CA LEU B 44 -6.92 -7.66 -26.19
C LEU B 44 -6.38 -6.36 -25.65
N THR B 45 -5.19 -6.40 -25.06
CA THR B 45 -4.60 -5.22 -24.46
C THR B 45 -3.08 -5.35 -24.25
N ALA B 46 -2.44 -4.40 -23.58
CA ALA B 46 -1.01 -4.46 -23.31
C ALA B 46 -0.64 -3.87 -21.95
N VAL B 47 -0.49 -4.72 -20.95
CA VAL B 47 -0.26 -4.24 -19.58
C VAL B 47 1.06 -3.51 -19.35
N GLU B 48 1.96 -3.64 -20.30
CA GLU B 48 3.24 -2.92 -20.34
C GLU B 48 3.08 -1.42 -20.14
N THR B 49 1.98 -0.91 -20.68
CA THR B 49 1.61 0.50 -20.58
C THR B 49 1.47 1.02 -19.15
N GLY B 50 1.20 0.13 -18.23
CA GLY B 50 0.97 0.48 -16.84
C GLY B 50 -0.52 0.52 -16.47
N ALA B 51 -1.41 0.35 -17.44
CA ALA B 51 -2.83 0.39 -17.17
C ALA B 51 -3.55 -0.95 -17.02
N THR B 52 -4.60 -0.95 -16.22
CA THR B 52 -5.48 -2.10 -16.03
C THR B 52 -6.65 -1.99 -17.00
N ASN B 53 -6.92 -3.05 -17.75
CA ASN B 53 -8.00 -3.06 -18.75
C ASN B 53 -9.39 -2.92 -18.15
N PRO B 54 -10.19 -1.86 -18.43
CA PRO B 54 -11.37 -1.51 -17.64
C PRO B 54 -12.57 -2.35 -18.09
N LEU B 55 -12.46 -3.66 -18.17
CA LEU B 55 -13.55 -4.43 -18.73
C LEU B 55 -14.66 -4.84 -17.78
N VAL B 56 -15.85 -4.95 -18.36
CA VAL B 56 -17.02 -5.45 -17.65
C VAL B 56 -17.52 -6.70 -18.36
N PRO B 57 -18.27 -7.64 -17.75
CA PRO B 57 -18.70 -8.87 -18.42
C PRO B 57 -19.30 -8.74 -19.81
N SER B 58 -20.12 -7.74 -20.04
CA SER B 58 -20.70 -7.50 -21.37
C SER B 58 -19.70 -7.28 -22.49
N ASP B 59 -18.44 -7.02 -22.18
CA ASP B 59 -17.41 -6.91 -23.19
C ASP B 59 -16.94 -8.23 -23.75
N THR B 60 -17.01 -9.28 -22.95
CA THR B 60 -16.59 -10.57 -23.42
C THR B 60 -17.65 -11.65 -23.41
N VAL B 61 -18.80 -11.44 -22.79
CA VAL B 61 -19.88 -12.45 -22.82
C VAL B 61 -21.25 -11.84 -23.06
N GLN B 62 -22.24 -12.61 -23.50
CA GLN B 62 -23.61 -12.08 -23.59
C GLN B 62 -24.26 -11.92 -22.23
N THR B 63 -24.75 -10.75 -21.92
CA THR B 63 -25.31 -10.48 -20.59
C THR B 63 -26.76 -10.10 -20.58
N ARG B 64 -27.41 -10.30 -19.45
CA ARG B 64 -28.78 -9.85 -19.30
C ARG B 64 -28.81 -8.49 -18.61
N HIS B 65 -29.97 -7.86 -18.48
CA HIS B 65 -30.03 -6.60 -17.76
C HIS B 65 -30.22 -6.84 -16.29
N VAL B 66 -29.30 -6.39 -15.47
CA VAL B 66 -29.47 -6.50 -14.02
C VAL B 66 -29.55 -5.13 -13.38
N VAL B 67 -30.49 -4.87 -12.51
CA VAL B 67 -30.54 -3.61 -11.77
C VAL B 67 -29.79 -3.82 -10.47
N GLN B 68 -28.60 -3.25 -10.41
CA GLN B 68 -27.74 -3.38 -9.27
C GLN B 68 -28.13 -2.62 -7.99
N HIS B 69 -28.07 -3.30 -6.87
CA HIS B 69 -28.39 -2.67 -5.58
C HIS B 69 -27.24 -2.64 -4.60
N ARG B 70 -26.14 -3.35 -4.86
CA ARG B 70 -25.02 -3.36 -3.97
C ARG B 70 -24.26 -2.04 -3.89
N SER B 71 -23.61 -1.85 -2.76
CA SER B 71 -22.93 -0.60 -2.49
C SER B 71 -21.55 -0.78 -1.92
N ARG B 72 -20.65 0.18 -2.10
CA ARG B 72 -19.34 0.11 -1.47
C ARG B 72 -19.22 0.90 -0.16
N SER B 73 -20.34 1.08 0.51
CA SER B 73 -20.44 1.83 1.75
C SER B 73 -19.53 1.38 2.88
N GLU B 74 -19.41 0.09 3.09
CA GLU B 74 -18.56 -0.41 4.17
C GLU B 74 -17.07 -0.48 3.86
N SER B 75 -16.67 -0.26 2.60
CA SER B 75 -15.24 -0.25 2.27
C SER B 75 -14.71 1.15 2.05
N SER B 76 -15.48 2.17 2.45
CA SER B 76 -14.99 3.55 2.41
C SER B 76 -13.83 3.70 3.40
N ILE B 77 -12.83 4.56 3.20
CA ILE B 77 -11.73 4.68 4.17
C ILE B 77 -12.18 4.88 5.61
N GLU B 78 -13.19 5.74 5.89
CA GLU B 78 -13.77 5.84 7.24
C GLU B 78 -14.22 4.52 7.80
N SER B 79 -15.08 3.85 7.03
CA SER B 79 -15.67 2.60 7.46
C SER B 79 -14.68 1.48 7.74
N PHE B 80 -13.64 1.41 6.91
CA PHE B 80 -12.57 0.44 7.10
C PHE B 80 -11.82 0.61 8.42
N PHE B 81 -11.64 1.84 8.82
CA PHE B 81 -10.95 2.17 10.07
C PHE B 81 -11.86 2.50 11.26
N ALA B 82 -13.17 2.56 11.06
CA ALA B 82 -14.11 2.96 12.12
C ALA B 82 -14.38 1.97 13.22
N ARG B 83 -13.30 1.64 13.90
CA ARG B 83 -13.31 0.61 14.91
C ARG B 83 -12.19 0.90 15.89
N GLY B 84 -12.37 0.72 17.18
CA GLY B 84 -11.34 0.98 18.17
C GLY B 84 -10.38 -0.21 18.30
N ALA B 85 -9.12 -0.04 17.95
CA ALA B 85 -8.13 -1.11 18.04
C ALA B 85 -7.20 -1.03 19.25
N CYS B 86 -6.85 -2.14 19.91
CA CYS B 86 -5.90 -2.06 21.01
C CYS B 86 -4.46 -1.75 20.57
N VAL B 87 -3.92 -0.62 21.01
CA VAL B 87 -2.56 -0.27 20.68
C VAL B 87 -1.53 -0.51 21.78
N THR B 88 -1.96 -0.69 23.02
CA THR B 88 -1.05 -0.99 24.15
C THR B 88 -1.73 -1.43 25.45
N ILE B 89 -0.98 -2.07 26.32
CA ILE B 89 -1.45 -2.46 27.64
C ILE B 89 -0.47 -1.90 28.67
N MET B 90 -0.93 -1.02 29.54
CA MET B 90 -0.09 -0.45 30.57
C MET B 90 -0.27 -1.08 31.95
N THR B 91 0.80 -1.41 32.65
CA THR B 91 0.67 -1.98 33.99
C THR B 91 1.08 -1.04 35.12
N VAL B 92 0.18 -0.81 36.06
CA VAL B 92 0.50 -0.04 37.23
C VAL B 92 0.14 -0.82 38.50
N ASP B 93 0.65 -0.43 39.66
CA ASP B 93 0.17 -1.07 40.90
C ASP B 93 0.12 -0.18 42.13
N ASN B 94 -0.47 -0.64 43.22
CA ASN B 94 -0.48 0.11 44.46
C ASN B 94 -0.12 -0.85 45.60
N PRO B 95 1.16 -0.89 46.03
CA PRO B 95 1.68 -1.88 46.97
C PRO B 95 1.45 -1.53 48.43
N ALA B 96 1.79 -2.40 49.40
CA ALA B 96 1.80 -2.00 50.81
C ALA B 96 2.80 -0.88 51.13
N SER B 97 2.67 -0.01 52.16
CA SER B 97 3.71 1.04 52.40
C SER B 97 5.10 0.46 52.74
N THR B 98 5.03 -0.61 53.52
CA THR B 98 6.21 -1.37 53.94
C THR B 98 7.03 -2.11 52.87
N THR B 99 6.68 -2.16 51.59
CA THR B 99 7.49 -2.95 50.69
C THR B 99 8.78 -2.25 50.28
N ASN B 100 9.80 -3.05 50.01
CA ASN B 100 11.06 -2.48 49.53
C ASN B 100 11.05 -2.09 48.04
N LYS B 101 10.01 -2.43 47.26
CA LYS B 101 10.01 -2.02 45.86
C LYS B 101 9.16 -0.76 45.68
N ASP B 102 9.59 0.16 44.80
CA ASP B 102 8.79 1.33 44.51
C ASP B 102 7.38 1.11 43.96
N LYS B 103 6.45 2.02 44.27
CA LYS B 103 5.13 1.95 43.67
C LYS B 103 5.20 2.20 42.16
N LEU B 104 4.80 1.17 41.42
CA LEU B 104 4.86 1.20 39.97
C LEU B 104 3.90 2.12 39.21
N PHE B 105 4.42 3.20 38.65
CA PHE B 105 3.61 3.98 37.73
C PHE B 105 4.06 3.64 36.30
N ALA B 106 3.18 3.72 35.31
CA ALA B 106 3.53 3.35 33.95
C ALA B 106 3.86 4.50 33.00
N VAL B 107 4.83 4.28 32.12
CA VAL B 107 5.17 5.25 31.08
C VAL B 107 5.10 4.61 29.71
N TRP B 108 4.34 5.14 28.77
CA TRP B 108 4.22 4.58 27.43
C TRP B 108 4.49 5.61 26.35
N LYS B 109 5.42 5.35 25.47
CA LYS B 109 5.66 6.24 24.34
C LYS B 109 4.59 6.00 23.28
N ILE B 110 3.78 7.01 22.99
CA ILE B 110 2.64 6.86 22.09
C ILE B 110 2.93 6.48 20.64
N THR B 111 2.34 5.36 20.23
CA THR B 111 2.46 4.87 18.88
C THR B 111 1.44 3.82 18.47
N TYR B 112 1.20 3.62 17.17
CA TYR B 112 0.36 2.50 16.74
C TYR B 112 1.17 1.23 16.44
N LYS B 113 2.47 1.28 16.66
CA LYS B 113 3.36 0.18 16.26
C LYS B 113 3.68 -0.89 17.31
N ASP B 114 3.14 -0.84 18.51
CA ASP B 114 3.42 -1.90 19.49
C ASP B 114 2.56 -3.14 19.30
N THR B 115 1.49 -3.02 18.55
CA THR B 115 0.63 -4.14 18.24
C THR B 115 0.55 -4.29 16.71
N VAL B 116 0.17 -5.43 16.15
CA VAL B 116 0.22 -5.54 14.70
C VAL B 116 -1.01 -5.21 13.86
N GLN B 117 -2.21 -5.48 14.37
CA GLN B 117 -3.44 -5.34 13.59
C GLN B 117 -3.79 -3.98 12.98
N LEU B 118 -3.92 -2.92 13.78
CA LEU B 118 -4.18 -1.58 13.24
C LEU B 118 -2.99 -1.10 12.42
N ARG B 119 -1.76 -1.37 12.88
CA ARG B 119 -0.56 -1.02 12.11
C ARG B 119 -0.63 -1.51 10.66
N ARG B 120 -1.01 -2.77 10.46
CA ARG B 120 -1.13 -3.30 9.12
C ARG B 120 -2.19 -2.58 8.26
N LYS B 121 -3.35 -2.27 8.85
CA LYS B 121 -4.38 -1.54 8.14
C LYS B 121 -3.92 -0.13 7.75
N LEU B 122 -3.28 0.61 8.64
CA LEU B 122 -2.75 1.92 8.30
C LEU B 122 -1.66 1.88 7.25
N GLU B 123 -0.83 0.83 7.30
CA GLU B 123 0.24 0.68 6.33
C GLU B 123 -0.17 0.25 4.93
N PHE B 124 -1.47 0.12 4.66
CA PHE B 124 -1.94 0.02 3.28
C PHE B 124 -1.68 1.34 2.55
N PHE B 125 -1.40 2.40 3.31
CA PHE B 125 -1.16 3.73 2.78
C PHE B 125 0.13 4.39 3.26
N THR B 126 0.79 5.18 2.42
CA THR B 126 2.00 5.89 2.79
C THR B 126 1.76 7.02 3.78
N TYR B 127 0.72 7.82 3.54
CA TYR B 127 0.44 8.97 4.39
C TYR B 127 -0.99 9.03 4.91
N SER B 128 -1.23 9.65 6.06
CA SER B 128 -2.60 9.76 6.56
C SER B 128 -2.85 11.00 7.41
N ARG B 129 -4.09 11.46 7.43
CA ARG B 129 -4.52 12.55 8.30
C ARG B 129 -5.75 12.06 9.04
N PHE B 130 -5.81 12.26 10.36
CA PHE B 130 -7.02 11.91 11.11
C PHE B 130 -7.08 12.53 12.49
N ASP B 131 -8.29 12.66 12.99
CA ASP B 131 -8.47 13.02 14.39
C ASP B 131 -8.44 11.69 15.15
N MET B 132 -8.02 11.71 16.39
CA MET B 132 -7.88 10.47 17.12
C MET B 132 -8.75 10.28 18.34
N GLU B 133 -9.47 9.18 18.42
CA GLU B 133 -10.25 8.89 19.62
C GLU B 133 -9.57 7.83 20.47
N LEU B 134 -9.25 8.14 21.71
CA LEU B 134 -8.66 7.18 22.63
C LEU B 134 -9.61 6.74 23.76
N THR B 135 -9.86 5.44 23.83
CA THR B 135 -10.71 4.88 24.89
C THR B 135 -9.88 4.01 25.82
N PHE B 136 -10.04 4.20 27.12
CA PHE B 136 -9.26 3.47 28.11
C PHE B 136 -10.02 2.44 28.93
N VAL B 137 -9.74 1.15 28.74
CA VAL B 137 -10.36 0.10 29.55
C VAL B 137 -9.45 -0.25 30.73
N VAL B 138 -9.94 -0.13 31.96
CA VAL B 138 -9.11 -0.37 33.15
C VAL B 138 -9.59 -1.52 34.00
N THR B 139 -8.74 -2.49 34.23
CA THR B 139 -9.06 -3.65 35.06
C THR B 139 -8.07 -3.85 36.18
N ALA B 140 -8.49 -4.35 37.32
CA ALA B 140 -7.59 -4.60 38.42
C ALA B 140 -7.87 -5.91 39.11
N ASN B 141 -6.86 -6.43 39.82
CA ASN B 141 -7.00 -7.62 40.60
C ASN B 141 -6.06 -7.68 41.80
N PHE B 142 -6.40 -8.57 42.73
CA PHE B 142 -5.56 -8.83 43.89
C PHE B 142 -4.39 -9.72 43.55
N THR B 143 -3.20 -9.40 44.07
CA THR B 143 -2.00 -10.17 43.77
C THR B 143 -1.65 -11.30 44.72
N GLU B 144 -1.75 -11.07 46.01
CA GLU B 144 -1.39 -12.12 46.99
C GLU B 144 -2.51 -13.01 47.49
N THR B 145 -2.30 -14.31 47.80
CA THR B 145 -3.33 -15.16 48.44
C THR B 145 -3.56 -14.72 49.89
N ASN B 146 -4.04 -13.50 49.93
CA ASN B 146 -4.16 -12.68 51.12
C ASN B 146 -5.64 -12.64 51.47
N ASN B 147 -6.10 -11.90 52.46
CA ASN B 147 -7.54 -11.73 52.62
C ASN B 147 -8.01 -10.31 52.89
N GLY B 148 -7.04 -9.38 52.90
CA GLY B 148 -7.31 -7.95 53.05
C GLY B 148 -8.12 -7.34 51.88
N HIS B 149 -8.29 -6.03 51.76
CA HIS B 149 -9.10 -5.44 50.68
C HIS B 149 -8.59 -4.05 50.40
N ALA B 150 -9.08 -3.45 49.33
CA ALA B 150 -8.73 -2.11 48.99
C ALA B 150 -9.98 -1.33 48.68
N LEU B 151 -9.97 -0.03 48.94
CA LEU B 151 -11.11 0.78 48.54
C LEU B 151 -10.99 1.14 47.05
N ASN B 152 -12.06 1.66 46.44
CA ASN B 152 -12.02 1.92 45.02
C ASN B 152 -10.93 2.86 44.54
N GLN B 153 -10.18 2.43 43.54
CA GLN B 153 -9.08 3.23 43.02
C GLN B 153 -9.38 4.30 41.99
N VAL B 154 -8.69 5.42 42.08
CA VAL B 154 -8.76 6.44 41.08
C VAL B 154 -7.40 6.46 40.36
N TYR B 155 -7.45 6.52 39.04
CA TYR B 155 -6.26 6.50 38.20
C TYR B 155 -5.99 7.85 37.56
N GLN B 156 -4.74 8.28 37.46
CA GLN B 156 -4.43 9.49 36.70
C GLN B 156 -3.64 9.12 35.45
N ILE B 157 -4.23 9.46 34.31
CA ILE B 157 -3.60 9.28 33.01
C ILE B 157 -3.15 10.67 32.56
N MET B 158 -1.86 10.93 32.63
CA MET B 158 -1.31 12.22 32.21
C MET B 158 -0.56 12.15 30.89
N TYR B 159 -0.94 13.01 29.97
CA TYR B 159 -0.21 13.11 28.71
C TYR B 159 1.00 14.03 28.87
N VAL B 160 2.19 13.54 28.62
CA VAL B 160 3.40 14.35 28.74
C VAL B 160 4.00 14.61 27.34
N PRO B 161 3.75 15.79 26.75
CA PRO B 161 4.21 16.11 25.40
C PRO B 161 5.72 16.30 25.32
N PRO B 162 6.44 16.04 24.22
CA PRO B 162 7.89 16.17 24.17
C PRO B 162 8.43 17.52 24.62
N GLY B 163 9.10 17.49 25.75
CA GLY B 163 9.68 18.70 26.32
C GLY B 163 9.38 18.84 27.80
N ALA B 164 8.17 18.47 28.15
CA ALA B 164 7.69 18.52 29.50
C ALA B 164 8.38 17.58 30.49
N PRO B 165 8.46 17.85 31.80
CA PRO B 165 9.09 16.98 32.78
C PRO B 165 8.44 15.59 32.91
N VAL B 166 9.15 14.54 32.58
CA VAL B 166 8.63 13.19 32.75
C VAL B 166 8.64 12.78 34.22
N PRO B 167 7.59 12.20 34.78
CA PRO B 167 7.59 11.78 36.17
C PRO B 167 8.63 10.73 36.50
N GLU B 168 9.34 10.97 37.59
CA GLU B 168 10.26 9.98 38.15
C GLU B 168 9.72 9.16 39.31
N LYS B 169 8.75 9.71 40.00
CA LYS B 169 8.13 9.05 41.13
C LYS B 169 6.61 9.11 41.04
N TRP B 170 5.87 8.08 41.48
CA TRP B 170 4.40 8.11 41.43
C TRP B 170 3.76 9.37 42.02
N ASP B 171 4.45 9.95 42.99
CA ASP B 171 3.98 11.15 43.64
C ASP B 171 4.82 12.42 43.50
N ASP B 172 5.62 12.61 42.45
CA ASP B 172 6.36 13.86 42.40
C ASP B 172 5.60 15.07 41.83
N TYR B 173 6.18 16.27 41.85
CA TYR B 173 5.48 17.48 41.38
C TYR B 173 4.87 17.49 39.99
N THR B 174 5.37 16.65 39.07
CA THR B 174 4.88 16.66 37.70
C THR B 174 3.40 16.32 37.57
N TRP B 175 2.93 15.46 38.46
CA TRP B 175 1.53 15.03 38.47
C TRP B 175 0.56 16.15 38.80
N GLN B 176 1.04 17.35 39.16
CA GLN B 176 0.17 18.52 39.31
C GLN B 176 -0.58 18.97 38.06
N THR B 177 -0.04 18.59 36.90
CA THR B 177 -0.62 18.88 35.58
C THR B 177 -1.17 20.24 35.27
N SER B 178 -0.53 21.32 35.69
CA SER B 178 -1.09 22.65 35.43
C SER B 178 -1.32 22.99 33.97
N SER B 179 -0.49 22.39 33.13
CA SER B 179 -0.65 22.61 31.71
C SER B 179 -0.82 21.33 30.88
N ASN B 180 -0.35 20.19 31.33
CA ASN B 180 -0.55 18.94 30.60
C ASN B 180 -1.98 18.42 30.73
N PRO B 181 -2.62 17.81 29.72
CA PRO B 181 -3.95 17.23 29.87
C PRO B 181 -3.88 15.96 30.71
N SER B 182 -4.77 15.85 31.68
CA SER B 182 -4.89 14.63 32.46
C SER B 182 -6.29 14.08 32.61
N ILE B 183 -6.47 12.77 32.58
CA ILE B 183 -7.76 12.17 32.89
C ILE B 183 -7.70 11.54 34.28
N PHE B 184 -8.64 11.87 35.15
CA PHE B 184 -8.80 11.14 36.40
C PHE B 184 -9.95 10.16 36.23
N TYR B 185 -9.57 8.89 36.17
CA TYR B 185 -10.49 7.79 36.00
C TYR B 185 -10.89 7.06 37.29
N THR B 186 -12.18 6.98 37.58
CA THR B 186 -12.66 6.24 38.75
C THR B 186 -12.90 4.78 38.41
N TYR B 187 -12.26 3.81 39.08
CA TYR B 187 -12.47 2.39 38.77
C TYR B 187 -13.92 1.96 38.84
N GLY B 188 -14.36 1.19 37.87
CA GLY B 188 -15.74 0.70 37.90
C GLY B 188 -16.71 1.52 37.09
N THR B 189 -16.32 2.75 36.70
CA THR B 189 -17.19 3.55 35.85
C THR B 189 -17.03 3.22 34.37
N ALA B 190 -17.82 3.80 33.45
CA ALA B 190 -17.63 3.53 32.02
C ALA B 190 -16.21 3.84 31.57
N PRO B 191 -15.60 3.12 30.62
CA PRO B 191 -14.25 3.43 30.21
C PRO B 191 -14.02 4.85 29.77
N ALA B 192 -12.89 5.41 30.16
CA ALA B 192 -12.57 6.79 29.81
C ALA B 192 -12.39 7.04 28.32
N ARG B 193 -12.72 8.23 27.82
CA ARG B 193 -12.54 8.53 26.42
C ARG B 193 -12.26 9.98 26.13
N ILE B 194 -11.28 10.22 25.28
CA ILE B 194 -10.99 11.57 24.82
C ILE B 194 -10.73 11.61 23.33
N SER B 195 -10.84 12.81 22.76
CA SER B 195 -10.44 13.03 21.37
C SER B 195 -9.23 13.96 21.26
N VAL B 196 -8.42 13.71 20.24
CA VAL B 196 -7.22 14.48 19.94
C VAL B 196 -7.33 14.99 18.51
N PRO B 197 -6.96 16.23 18.15
CA PRO B 197 -6.95 16.67 16.77
C PRO B 197 -5.83 16.06 15.94
N TYR B 198 -5.70 16.47 14.66
CA TYR B 198 -4.52 16.08 13.90
C TYR B 198 -3.37 16.93 14.46
N VAL B 199 -2.45 16.33 15.21
CA VAL B 199 -1.37 17.06 15.85
C VAL B 199 0.01 17.07 15.21
N GLY B 200 0.10 16.54 14.00
CA GLY B 200 1.37 16.43 13.30
C GLY B 200 2.02 17.75 12.89
N ILE B 201 3.36 17.82 12.92
CA ILE B 201 4.10 18.99 12.43
C ILE B 201 4.38 18.96 10.91
N SER B 202 3.71 18.03 10.27
CA SER B 202 3.75 17.87 8.82
C SER B 202 2.33 18.01 8.30
N ASN B 203 2.07 18.07 7.00
CA ASN B 203 0.70 18.17 6.55
C ASN B 203 -0.08 16.86 6.60
N ALA B 204 0.66 15.78 6.81
CA ALA B 204 0.09 14.45 6.98
C ALA B 204 1.02 13.57 7.79
N TYR B 205 0.50 12.59 8.52
CA TYR B 205 1.34 11.62 9.20
C TYR B 205 2.07 10.74 8.19
N SER B 206 3.38 10.65 8.22
CA SER B 206 4.12 9.70 7.37
C SER B 206 4.20 8.30 7.95
N HIS B 207 3.54 7.31 7.36
CA HIS B 207 3.68 5.95 7.85
C HIS B 207 5.04 5.37 7.46
N PHE B 208 5.70 5.95 6.45
CA PHE B 208 7.04 5.56 6.02
C PHE B 208 7.90 6.78 5.77
N TYR B 209 9.16 6.81 6.23
CA TYR B 209 10.06 7.92 6.02
C TYR B 209 11.40 7.43 5.50
N ASP B 210 11.55 7.34 4.18
CA ASP B 210 12.84 6.94 3.61
C ASP B 210 13.93 7.99 3.72
N GLY B 211 14.42 8.14 4.94
CA GLY B 211 15.45 9.11 5.24
C GLY B 211 16.00 9.00 6.64
N PHE B 212 16.78 10.00 6.97
CA PHE B 212 17.46 10.13 8.26
C PHE B 212 17.13 11.46 8.91
N SER B 213 17.35 11.59 10.21
CA SER B 213 17.17 12.90 10.86
C SER B 213 18.44 13.71 10.95
N LYS B 214 19.56 13.16 10.51
CA LYS B 214 20.84 13.85 10.53
C LYS B 214 21.66 13.68 9.27
N VAL B 215 22.40 14.69 8.85
CA VAL B 215 23.34 14.55 7.73
C VAL B 215 24.71 14.25 8.32
N PRO B 216 25.37 13.15 7.99
CA PRO B 216 26.73 12.89 8.39
C PRO B 216 27.63 13.85 7.66
N LEU B 217 28.33 14.76 8.33
CA LEU B 217 29.21 15.66 7.62
C LEU B 217 30.65 15.21 7.60
N LYS B 218 31.31 15.21 6.45
CA LYS B 218 32.73 14.86 6.32
C LYS B 218 33.69 15.35 7.40
N ASP B 219 33.61 16.65 7.58
CA ASP B 219 34.39 17.39 8.56
C ASP B 219 34.11 16.99 10.02
N GLN B 220 32.95 16.44 10.27
CA GLN B 220 32.50 16.13 11.60
C GLN B 220 32.71 14.66 11.96
N SER B 221 32.81 14.34 13.25
CA SER B 221 32.94 12.93 13.67
C SER B 221 31.92 11.95 13.17
N ALA B 222 32.36 10.78 12.70
CA ALA B 222 31.44 9.67 12.35
C ALA B 222 30.33 9.44 13.36
N ALA B 223 30.70 9.40 14.63
CA ALA B 223 29.71 9.27 15.71
C ALA B 223 28.71 10.40 15.79
N LEU B 224 29.15 11.62 15.45
CA LEU B 224 28.24 12.75 15.52
C LEU B 224 27.14 12.83 14.48
N GLY B 225 27.42 12.51 13.23
CA GLY B 225 26.38 12.56 12.20
C GLY B 225 25.47 11.34 12.12
N ASP B 226 25.57 10.40 13.06
CA ASP B 226 24.79 9.19 12.96
C ASP B 226 23.40 9.21 13.56
N SER B 227 22.46 8.62 12.84
CA SER B 227 21.07 8.53 13.27
C SER B 227 20.38 7.30 12.75
N LEU B 228 19.22 6.91 13.28
CA LEU B 228 18.52 5.73 12.78
C LEU B 228 17.81 5.87 11.45
N TYR B 229 17.90 4.85 10.62
CA TYR B 229 17.23 4.84 9.34
C TYR B 229 15.71 4.78 9.47
N GLY B 230 15.05 5.71 8.82
CA GLY B 230 13.60 5.75 8.84
C GLY B 230 13.03 6.49 10.04
N ALA B 231 13.86 6.91 10.97
CA ALA B 231 13.36 7.63 12.13
C ALA B 231 13.48 9.13 12.01
N ALA B 232 12.37 9.84 12.13
CA ALA B 232 12.38 11.30 12.15
C ALA B 232 12.56 11.91 13.53
N SER B 233 11.57 12.44 14.26
CA SER B 233 11.88 13.00 15.59
C SER B 233 12.11 11.97 16.67
N LEU B 234 13.28 11.95 17.28
CA LEU B 234 13.62 11.03 18.36
C LEU B 234 12.54 10.84 19.45
N ASN B 235 11.76 11.89 19.66
CA ASN B 235 10.52 11.79 20.41
C ASN B 235 9.41 12.50 19.64
N ASP B 236 8.61 11.78 18.85
CA ASP B 236 7.52 12.41 18.13
C ASP B 236 6.35 13.00 18.89
N PHE B 237 5.69 12.17 19.68
CA PHE B 237 4.43 12.56 20.30
C PHE B 237 4.37 12.56 21.82
N GLY B 238 5.50 12.29 22.47
CA GLY B 238 5.49 12.18 23.91
C GLY B 238 4.98 10.84 24.43
N ILE B 239 4.65 10.89 25.70
CA ILE B 239 4.27 9.71 26.43
C ILE B 239 3.01 9.82 27.26
N LEU B 240 2.37 8.69 27.54
CA LEU B 240 1.32 8.67 28.55
C LEU B 240 1.93 8.15 29.85
N ALA B 241 1.73 8.87 30.94
CA ALA B 241 2.18 8.43 32.24
C ALA B 241 0.96 8.09 33.08
N VAL B 242 0.85 6.87 33.59
CA VAL B 242 -0.31 6.47 34.37
C VAL B 242 0.02 6.06 35.80
N ARG B 243 -0.78 6.49 36.75
CA ARG B 243 -0.60 6.07 38.14
C ARG B 243 -1.89 5.85 38.92
N VAL B 244 -1.78 5.15 40.05
CA VAL B 244 -2.91 5.03 40.96
C VAL B 244 -2.77 6.16 41.97
N VAL B 245 -3.76 7.03 42.05
CA VAL B 245 -3.70 8.19 42.93
C VAL B 245 -3.84 7.81 44.39
N ASN B 246 -4.55 6.72 44.68
CA ASN B 246 -4.69 6.22 46.04
C ASN B 246 -3.37 5.87 46.70
N ASP B 247 -3.22 6.26 47.95
CA ASP B 247 -2.08 5.85 48.75
C ASP B 247 -2.07 4.36 48.98
N HIS B 248 -0.86 3.84 49.18
CA HIS B 248 -0.64 2.43 49.53
C HIS B 248 -1.61 1.80 50.52
N ASN B 249 -2.18 0.71 50.07
CA ASN B 249 -3.10 -0.08 50.87
C ASN B 249 -2.29 -1.23 51.51
N PRO B 250 -2.60 -1.93 52.60
CA PRO B 250 -1.83 -3.08 53.05
C PRO B 250 -1.86 -4.20 52.03
N THR B 251 -3.04 -4.49 51.50
CA THR B 251 -3.14 -5.46 50.40
C THR B 251 -2.72 -4.87 49.05
N LYS B 252 -1.75 -5.46 48.37
CA LYS B 252 -1.37 -5.01 47.04
C LYS B 252 -2.36 -5.31 45.90
N VAL B 253 -2.67 -4.28 45.12
CA VAL B 253 -3.51 -4.41 43.95
C VAL B 253 -2.76 -4.09 42.66
N THR B 254 -2.88 -4.93 41.66
CA THR B 254 -2.27 -4.63 40.36
C THR B 254 -3.34 -4.27 39.35
N SER B 255 -3.09 -3.26 38.52
CA SER B 255 -4.05 -2.83 37.51
C SER B 255 -3.45 -2.70 36.12
N LYS B 256 -4.28 -3.00 35.12
CA LYS B 256 -3.90 -2.78 33.74
C LYS B 256 -4.81 -1.84 33.00
N ILE B 257 -4.18 -1.00 32.17
CA ILE B 257 -4.92 -0.05 31.34
C ILE B 257 -4.74 -0.40 29.88
N ARG B 258 -5.80 -0.85 29.23
CA ARG B 258 -5.77 -1.12 27.80
C ARG B 258 -6.21 0.10 27.03
N VAL B 259 -5.38 0.51 26.08
CA VAL B 259 -5.68 1.67 25.25
C VAL B 259 -6.17 1.32 23.85
N TYR B 260 -7.33 1.84 23.53
CA TYR B 260 -7.96 1.64 22.21
C TYR B 260 -7.94 2.89 21.36
N LEU B 261 -7.41 2.78 20.16
CA LEU B 261 -7.31 3.90 19.25
C LEU B 261 -8.21 3.74 18.04
N LYS B 262 -9.00 4.76 17.75
CA LYS B 262 -9.81 4.79 16.55
C LYS B 262 -9.48 6.05 15.75
N PRO B 263 -9.00 5.94 14.52
CA PRO B 263 -8.81 7.07 13.64
C PRO B 263 -10.14 7.60 13.15
N LYS B 264 -10.58 8.78 13.50
CA LYS B 264 -11.80 9.31 12.89
C LYS B 264 -11.57 10.55 12.04
N HIS B 265 -12.45 10.82 11.07
CA HIS B 265 -12.31 11.95 10.11
C HIS B 265 -11.01 11.81 9.29
N ILE B 266 -10.74 10.56 8.94
CA ILE B 266 -9.54 10.13 8.21
C ILE B 266 -9.46 10.24 6.70
N ARG B 267 -8.26 10.66 6.28
CA ARG B 267 -7.89 10.73 4.87
C ARG B 267 -6.55 10.01 4.66
N VAL B 268 -6.39 9.30 3.54
CA VAL B 268 -5.16 8.55 3.26
C VAL B 268 -4.62 8.75 1.85
N TRP B 269 -3.31 8.71 1.71
CA TRP B 269 -2.65 8.87 0.41
C TRP B 269 -1.64 7.79 0.09
N CYS B 270 -1.42 7.60 -1.21
CA CYS B 270 -0.50 6.66 -1.84
C CYS B 270 -0.55 5.21 -1.33
N PRO B 271 -1.35 4.36 -1.98
CA PRO B 271 -1.57 2.98 -1.55
C PRO B 271 -0.31 2.13 -1.63
N ARG B 272 -0.22 1.13 -0.78
CA ARG B 272 0.94 0.25 -0.71
C ARG B 272 0.49 -1.20 -0.56
N PRO B 273 1.22 -2.22 -1.00
CA PRO B 273 0.97 -3.60 -0.64
C PRO B 273 1.00 -3.86 0.83
N PRO B 274 0.11 -4.70 1.38
CA PRO B 274 0.10 -5.05 2.81
C PRO B 274 1.33 -5.81 3.25
N ARG B 275 1.64 -5.74 4.54
CA ARG B 275 2.76 -6.49 5.11
C ARG B 275 2.53 -7.99 4.96
N ALA B 276 3.45 -8.68 4.31
CA ALA B 276 3.28 -10.10 4.05
C ALA B 276 4.05 -11.06 4.95
N VAL B 277 5.06 -10.55 5.63
CA VAL B 277 5.82 -11.34 6.58
C VAL B 277 5.74 -10.70 7.95
N ALA B 278 6.01 -11.41 9.05
CA ALA B 278 5.90 -10.82 10.38
C ALA B 278 6.68 -9.54 10.61
N TYR B 279 6.08 -8.57 11.28
CA TYR B 279 6.78 -7.36 11.65
C TYR B 279 7.98 -7.60 12.56
N TYR B 280 9.08 -6.90 12.33
CA TYR B 280 10.23 -7.02 13.21
C TYR B 280 10.75 -5.66 13.61
N GLY B 281 10.06 -5.09 14.58
CA GLY B 281 10.42 -3.77 15.09
C GLY B 281 9.64 -2.62 14.45
N PRO B 282 9.97 -1.35 14.74
CA PRO B 282 9.27 -0.18 14.21
C PRO B 282 9.46 0.07 12.72
N GLY B 283 10.46 -0.56 12.10
CA GLY B 283 10.74 -0.30 10.69
C GLY B 283 10.29 -1.41 9.77
N VAL B 284 10.66 -1.35 8.49
CA VAL B 284 10.28 -2.39 7.52
C VAL B 284 11.10 -3.69 7.57
N ASP B 285 11.91 -3.86 8.61
CA ASP B 285 12.82 -4.99 8.70
C ASP B 285 12.14 -6.32 8.93
N TYR B 286 12.73 -7.34 8.32
CA TYR B 286 12.23 -8.68 8.50
C TYR B 286 13.29 -9.62 9.05
N LYS B 287 12.81 -10.56 9.84
CA LYS B 287 13.69 -11.52 10.50
C LYS B 287 13.87 -12.83 9.75
N ASP B 288 15.10 -13.28 9.64
CA ASP B 288 15.35 -14.62 9.08
C ASP B 288 14.49 -15.72 9.67
N GLY B 289 13.94 -16.59 8.85
CA GLY B 289 13.01 -17.59 9.37
C GLY B 289 11.54 -17.20 9.27
N THR B 290 11.20 -15.92 9.13
CA THR B 290 9.80 -15.53 8.94
C THR B 290 9.41 -15.20 7.50
N LEU B 291 10.31 -15.45 6.57
CA LEU B 291 10.13 -15.02 5.19
C LEU B 291 9.40 -15.90 4.19
N THR B 292 8.69 -16.93 4.59
CA THR B 292 8.02 -17.78 3.59
C THR B 292 6.51 -17.91 3.75
N PRO B 293 5.73 -16.85 3.50
CA PRO B 293 4.33 -16.79 3.84
C PRO B 293 3.45 -17.80 3.08
N LEU B 294 3.75 -18.04 1.82
CA LEU B 294 2.93 -18.89 0.99
C LEU B 294 3.08 -20.41 1.11
N SER B 295 1.92 -21.05 1.05
CA SER B 295 1.73 -22.51 1.11
C SER B 295 1.97 -23.27 -0.18
N THR B 296 2.30 -24.56 -0.13
CA THR B 296 2.37 -25.37 -1.35
C THR B 296 1.04 -25.62 -2.02
N LYS B 297 0.95 -25.33 -3.32
CA LYS B 297 -0.20 -25.64 -4.14
C LYS B 297 0.24 -25.89 -5.57
N ASP B 298 -0.13 -26.99 -6.21
CA ASP B 298 0.28 -27.22 -7.58
C ASP B 298 -0.43 -26.49 -8.69
N LEU B 299 0.36 -26.07 -9.68
CA LEU B 299 -0.11 -25.34 -10.85
C LEU B 299 -1.38 -25.86 -11.52
N THR B 300 -1.53 -27.16 -11.62
CA THR B 300 -2.73 -27.75 -12.19
C THR B 300 -3.66 -28.41 -11.20
N THR B 301 -3.71 -27.89 -9.99
CA THR B 301 -4.61 -28.44 -8.96
C THR B 301 -5.62 -27.38 -8.53
N TYR B 302 -6.90 -27.71 -8.57
CA TYR B 302 -7.92 -26.76 -8.17
C TYR B 302 -7.90 -26.55 -6.67
N GLU C 5 -2.60 8.71 -35.76
CA GLU C 5 -3.06 9.63 -36.79
C GLU C 5 -2.98 9.13 -38.23
N ALA C 6 -3.98 9.35 -39.13
CA ALA C 6 -3.85 8.92 -40.55
C ALA C 6 -2.58 9.49 -41.22
N CYS C 7 -2.19 10.69 -40.76
CA CYS C 7 -0.90 11.30 -41.10
C CYS C 7 0.30 10.73 -40.26
N GLY C 8 0.32 9.42 -39.94
CA GLY C 8 1.36 8.73 -39.20
C GLY C 8 1.58 8.79 -37.69
N TYR C 9 0.93 9.54 -36.79
CA TYR C 9 1.33 9.53 -35.37
C TYR C 9 1.02 8.32 -34.49
N SER C 10 1.90 7.90 -33.55
CA SER C 10 1.73 6.67 -32.75
C SER C 10 2.11 6.64 -31.28
N ASP C 11 1.44 5.85 -30.47
CA ASP C 11 1.76 5.68 -29.05
C ASP C 11 3.12 5.04 -28.73
N ARG C 12 3.67 4.38 -29.75
CA ARG C 12 4.98 3.77 -29.68
C ARG C 12 6.14 4.70 -30.01
N VAL C 13 5.88 5.78 -30.74
CA VAL C 13 6.93 6.67 -31.13
C VAL C 13 6.86 8.02 -30.41
N LEU C 14 7.85 8.31 -29.56
CA LEU C 14 7.86 9.56 -28.82
C LEU C 14 9.15 10.38 -28.87
N GLN C 15 8.98 11.69 -28.73
CA GLN C 15 10.10 12.58 -28.56
C GLN C 15 9.92 13.44 -27.29
N LEU C 16 10.87 13.34 -26.36
CA LEU C 16 10.87 14.13 -25.16
C LEU C 16 11.98 15.18 -25.18
N THR C 17 11.67 16.44 -24.94
CA THR C 17 12.73 17.46 -24.86
C THR C 17 12.67 18.30 -23.63
N LEU C 18 13.76 18.25 -22.89
CA LEU C 18 13.95 19.05 -21.67
C LEU C 18 15.31 19.74 -21.70
N GLY C 19 15.33 21.07 -21.61
CA GLY C 19 16.58 21.81 -21.64
C GLY C 19 17.35 21.60 -22.93
N ASN C 20 18.65 21.29 -22.89
CA ASN C 20 19.40 21.03 -24.12
C ASN C 20 19.41 19.55 -24.47
N SER C 21 18.43 18.80 -23.96
CA SER C 21 18.39 17.37 -24.22
C SER C 21 17.10 16.79 -24.75
N THR C 22 17.26 15.96 -25.76
CA THR C 22 16.17 15.24 -26.42
C THR C 22 16.32 13.73 -26.47
N ILE C 23 15.27 13.05 -26.08
CA ILE C 23 15.18 11.60 -26.16
C ILE C 23 14.19 11.20 -27.25
N THR C 24 14.59 10.27 -28.11
CA THR C 24 13.65 9.70 -29.06
C THR C 24 13.42 8.24 -28.77
N THR C 25 12.24 7.76 -29.09
CA THR C 25 11.96 6.33 -29.04
C THR C 25 10.94 5.93 -30.08
N GLN C 26 11.23 4.81 -30.70
CA GLN C 26 10.39 4.23 -31.73
C GLN C 26 9.61 3.01 -31.22
N GLU C 27 9.91 2.52 -30.03
CA GLU C 27 9.17 1.40 -29.41
C GLU C 27 8.80 1.57 -27.94
N ALA C 28 7.92 2.54 -27.71
CA ALA C 28 7.41 2.83 -26.39
C ALA C 28 6.06 2.18 -26.12
N ALA C 29 5.64 2.02 -24.86
CA ALA C 29 4.30 1.49 -24.59
C ALA C 29 3.52 2.58 -23.83
N ASN C 30 3.37 3.72 -24.51
CA ASN C 30 2.78 4.92 -23.95
C ASN C 30 3.65 5.41 -22.79
N SER C 31 3.23 6.31 -21.93
CA SER C 31 4.03 6.70 -20.78
C SER C 31 3.14 6.94 -19.56
N VAL C 32 3.65 6.77 -18.36
CA VAL C 32 2.85 6.92 -17.16
C VAL C 32 3.02 8.21 -16.40
N VAL C 33 1.94 8.87 -16.02
CA VAL C 33 2.05 10.03 -15.14
C VAL C 33 1.58 9.57 -13.76
N ALA C 34 2.50 9.45 -12.84
CA ALA C 34 2.22 8.92 -11.51
C ALA C 34 1.10 9.63 -10.76
N TYR C 35 0.10 8.80 -10.39
CA TYR C 35 -1.09 9.30 -9.68
C TYR C 35 -1.86 10.36 -10.43
N GLY C 36 -1.64 10.41 -11.75
CA GLY C 36 -2.26 11.40 -12.61
C GLY C 36 -1.80 12.82 -12.35
N ARG C 37 -0.73 13.04 -11.60
CA ARG C 37 -0.27 14.38 -11.31
C ARG C 37 1.02 14.79 -12.01
N TRP C 38 0.94 15.76 -12.90
CA TRP C 38 2.15 16.29 -13.54
C TRP C 38 2.95 17.12 -12.53
N PRO C 39 4.27 17.15 -12.49
CA PRO C 39 5.02 18.06 -11.63
C PRO C 39 4.70 19.54 -11.72
N GLU C 40 4.61 20.17 -10.58
CA GLU C 40 4.35 21.58 -10.48
C GLU C 40 5.23 22.31 -9.48
N TYR C 41 5.39 23.62 -9.59
CA TYR C 41 6.09 24.39 -8.57
C TYR C 41 5.23 24.60 -7.31
N LEU C 42 5.83 24.81 -6.15
CA LEU C 42 5.08 25.10 -4.96
C LEU C 42 4.23 26.38 -4.96
N ARG C 43 2.93 26.18 -4.85
CA ARG C 43 1.96 27.27 -4.75
C ARG C 43 2.03 28.11 -3.49
N ASP C 44 1.86 29.42 -3.59
CA ASP C 44 1.76 30.30 -2.44
C ASP C 44 0.86 29.85 -1.30
N SER C 45 -0.26 29.22 -1.63
CA SER C 45 -1.19 28.69 -0.62
C SER C 45 -0.68 27.50 0.16
N GLU C 46 0.26 26.76 -0.41
CA GLU C 46 0.90 25.64 0.24
C GLU C 46 2.34 25.91 0.67
N ALA C 47 2.83 27.10 0.38
CA ALA C 47 4.19 27.47 0.74
C ALA C 47 4.52 27.47 2.24
N ASN C 48 5.78 27.29 2.60
CA ASN C 48 6.18 27.32 4.01
C ASN C 48 7.48 28.09 4.30
N PRO C 49 8.68 27.87 3.73
CA PRO C 49 9.82 28.76 3.94
C PRO C 49 9.54 30.10 3.27
N VAL C 50 9.71 31.23 3.94
CA VAL C 50 9.38 32.52 3.33
C VAL C 50 10.37 33.17 2.38
N ASP C 51 11.59 32.69 2.33
CA ASP C 51 12.60 33.25 1.45
C ASP C 51 12.39 32.95 -0.04
N GLN C 52 12.77 33.88 -0.90
CA GLN C 52 12.74 33.73 -2.35
C GLN C 52 13.39 32.43 -2.80
N PRO C 53 12.72 31.49 -3.45
CA PRO C 53 13.33 30.25 -3.87
C PRO C 53 14.32 30.39 -5.01
N THR C 54 15.22 29.44 -5.10
CA THR C 54 16.12 29.32 -6.25
C THR C 54 15.46 28.35 -7.20
N GLU C 55 15.23 28.72 -8.44
CA GLU C 55 14.68 27.79 -9.41
C GLU C 55 15.64 27.67 -10.61
N PRO C 56 16.53 26.69 -10.69
CA PRO C 56 17.54 26.61 -11.74
C PRO C 56 17.05 26.44 -13.19
N ASP C 57 15.79 26.05 -13.36
CA ASP C 57 15.20 25.77 -14.66
C ASP C 57 16.06 24.97 -15.65
N VAL C 58 16.36 25.35 -16.88
CA VAL C 58 17.14 24.51 -17.82
C VAL C 58 18.49 23.99 -17.37
N ALA C 59 19.17 24.67 -16.45
CA ALA C 59 20.45 24.21 -15.92
C ALA C 59 20.36 22.90 -15.11
N ALA C 60 19.21 22.63 -14.53
CA ALA C 60 19.00 21.40 -13.76
C ALA C 60 17.90 20.51 -14.31
N CYS C 61 16.81 21.10 -14.81
CA CYS C 61 15.73 20.35 -15.39
C CYS C 61 16.01 19.92 -16.84
N ARG C 62 16.89 18.94 -16.92
CA ARG C 62 17.38 18.34 -18.15
C ARG C 62 17.67 16.85 -17.96
N PHE C 63 17.95 16.09 -19.01
CA PHE C 63 18.22 14.67 -18.86
C PHE C 63 19.63 14.22 -18.50
N TYR C 64 19.77 13.66 -17.30
CA TYR C 64 21.03 13.07 -16.87
C TYR C 64 21.05 11.55 -17.03
N THR C 65 22.01 11.00 -17.73
CA THR C 65 22.18 9.56 -17.91
C THR C 65 23.11 8.93 -16.89
N LEU C 66 22.57 8.05 -16.05
CA LEU C 66 23.39 7.38 -15.04
C LEU C 66 24.15 6.18 -15.59
N ASP C 67 25.12 5.60 -14.90
CA ASP C 67 25.83 4.43 -15.44
C ASP C 67 24.99 3.24 -15.84
N THR C 68 25.25 2.73 -17.03
CA THR C 68 24.57 1.56 -17.57
C THR C 68 24.80 0.27 -16.78
N VAL C 69 23.73 -0.42 -16.42
CA VAL C 69 23.89 -1.70 -15.78
C VAL C 69 23.68 -2.84 -16.77
N SER C 70 23.96 -4.07 -16.36
CA SER C 70 23.82 -5.23 -17.23
C SER C 70 22.86 -6.32 -16.80
N TRP C 71 21.88 -6.64 -17.64
CA TRP C 71 20.89 -7.66 -17.36
C TRP C 71 21.34 -9.02 -17.89
N THR C 72 21.38 -9.99 -16.99
CA THR C 72 21.75 -11.35 -17.31
C THR C 72 20.79 -12.36 -16.74
N LYS C 73 20.94 -13.67 -17.01
CA LYS C 73 20.09 -14.69 -16.35
C LYS C 73 20.27 -14.73 -14.84
N GLU C 74 21.38 -14.29 -14.29
CA GLU C 74 21.55 -14.22 -12.85
C GLU C 74 20.97 -12.98 -12.16
N SER C 75 20.55 -11.98 -12.91
CA SER C 75 20.12 -10.73 -12.35
C SER C 75 18.88 -10.75 -11.48
N ARG C 76 18.96 -10.47 -10.19
CA ARG C 76 17.78 -10.41 -9.33
C ARG C 76 17.01 -9.10 -9.31
N GLY C 77 17.66 -7.99 -9.64
CA GLY C 77 17.00 -6.71 -9.67
C GLY C 77 17.87 -5.53 -9.24
N TRP C 78 17.42 -4.32 -9.53
CA TRP C 78 18.18 -3.12 -9.24
C TRP C 78 17.32 -2.05 -8.58
N TRP C 79 17.89 -1.19 -7.74
CA TRP C 79 17.15 -0.09 -7.14
C TRP C 79 17.96 1.19 -7.04
N TRP C 80 17.24 2.30 -7.10
CA TRP C 80 17.80 3.63 -6.99
C TRP C 80 16.93 4.51 -6.13
N LYS C 81 17.46 5.52 -5.46
CA LYS C 81 16.61 6.45 -4.71
C LYS C 81 16.71 7.88 -5.27
N LEU C 82 15.64 8.65 -5.28
CA LEU C 82 15.68 10.03 -5.77
C LEU C 82 15.38 10.99 -4.63
N PRO C 83 16.06 12.12 -4.47
CA PRO C 83 17.12 12.61 -5.33
C PRO C 83 18.52 12.01 -5.32
N ASP C 84 18.84 11.10 -4.41
CA ASP C 84 20.18 10.52 -4.29
C ASP C 84 20.95 10.12 -5.56
N ALA C 85 20.30 9.43 -6.48
CA ALA C 85 20.92 9.04 -7.75
C ALA C 85 21.47 10.21 -8.55
N LEU C 86 20.82 11.35 -8.38
CA LEU C 86 21.21 12.56 -9.08
C LEU C 86 22.08 13.53 -8.29
N ARG C 87 22.51 13.19 -7.06
CA ARG C 87 23.30 14.10 -6.22
C ARG C 87 24.60 14.65 -6.81
N ASP C 88 25.24 13.91 -7.72
CA ASP C 88 26.44 14.43 -8.37
C ASP C 88 26.20 14.88 -9.81
N MET C 89 24.95 15.04 -10.19
CA MET C 89 24.62 15.40 -11.54
C MET C 89 24.54 16.92 -11.80
N GLY C 90 25.67 17.43 -12.31
CA GLY C 90 25.82 18.81 -12.76
C GLY C 90 25.30 19.88 -11.84
N LEU C 91 24.57 20.84 -12.40
CA LEU C 91 24.03 21.91 -11.59
C LEU C 91 22.84 21.54 -10.72
N PHE C 92 22.18 20.41 -10.96
CA PHE C 92 21.11 19.94 -10.06
C PHE C 92 21.75 19.62 -8.70
N GLY C 93 22.79 18.78 -8.73
CA GLY C 93 23.51 18.41 -7.52
C GLY C 93 24.06 19.59 -6.74
N GLN C 94 24.68 20.55 -7.44
CA GLN C 94 25.19 21.76 -6.80
C GLN C 94 24.12 22.56 -6.08
N ASN C 95 22.99 22.76 -6.75
CA ASN C 95 21.88 23.44 -6.11
C ASN C 95 21.33 22.67 -4.94
N MET C 96 21.26 21.36 -5.06
CA MET C 96 20.85 20.48 -3.98
C MET C 96 21.72 20.65 -2.74
N TYR C 97 23.04 20.58 -2.87
CA TYR C 97 23.91 20.73 -1.71
C TYR C 97 24.12 22.14 -1.16
N TYR C 98 23.81 23.22 -1.89
CA TYR C 98 23.92 24.55 -1.33
C TYR C 98 22.72 25.06 -0.51
N HIS C 99 21.61 24.34 -0.60
CA HIS C 99 20.39 24.77 0.08
C HIS C 99 19.91 23.75 1.08
N TYR C 100 19.41 24.20 2.20
CA TYR C 100 18.80 23.35 3.21
C TYR C 100 17.59 22.58 2.70
N LEU C 101 16.79 23.27 1.92
CA LEU C 101 15.54 22.71 1.41
C LEU C 101 15.43 22.65 -0.10
N GLY C 102 14.79 21.60 -0.58
CA GLY C 102 14.56 21.45 -2.01
C GLY C 102 13.44 20.50 -2.34
N ARG C 103 12.74 20.78 -3.43
CA ARG C 103 11.74 19.84 -3.92
C ARG C 103 11.89 19.70 -5.42
N SER C 104 11.48 18.55 -5.94
CA SER C 104 11.60 18.25 -7.35
C SER C 104 10.76 17.07 -7.81
N GLY C 105 10.28 17.17 -9.03
CA GLY C 105 9.60 16.08 -9.70
C GLY C 105 10.60 15.44 -10.66
N TYR C 106 10.26 14.35 -11.37
CA TYR C 106 11.23 13.71 -12.26
C TYR C 106 10.61 13.05 -13.48
N THR C 107 11.28 13.09 -14.63
CA THR C 107 10.92 12.19 -15.72
C THR C 107 11.95 11.08 -15.72
N VAL C 108 11.51 9.87 -15.47
CA VAL C 108 12.38 8.69 -15.50
C VAL C 108 12.24 7.93 -16.81
N HIS C 109 13.34 7.77 -17.52
CA HIS C 109 13.31 6.99 -18.76
C HIS C 109 14.25 5.81 -18.76
N VAL C 110 13.68 4.63 -18.60
CA VAL C 110 14.46 3.38 -18.58
C VAL C 110 14.59 2.84 -20.01
N GLN C 111 15.81 2.54 -20.38
CA GLN C 111 16.18 2.08 -21.72
C GLN C 111 16.73 0.65 -21.79
N CYS C 112 16.10 -0.21 -22.57
CA CYS C 112 16.53 -1.59 -22.71
C CYS C 112 16.11 -2.18 -24.05
N ASN C 113 16.97 -2.17 -25.05
CA ASN C 113 16.62 -2.81 -26.31
C ASN C 113 17.30 -4.17 -26.50
N ALA C 114 16.70 -5.04 -27.30
CA ALA C 114 17.25 -6.35 -27.54
C ALA C 114 17.03 -6.87 -28.97
N SER C 115 16.21 -7.86 -29.27
CA SER C 115 15.98 -8.30 -30.65
C SER C 115 14.75 -9.16 -30.71
N LYS C 116 14.13 -9.36 -31.87
CA LYS C 116 12.92 -10.17 -31.97
C LYS C 116 13.00 -11.63 -31.54
N PHE C 117 14.22 -12.06 -31.31
CA PHE C 117 14.52 -13.40 -30.82
C PHE C 117 14.93 -13.46 -29.34
N HIS C 118 14.83 -12.37 -28.61
CA HIS C 118 15.09 -12.38 -27.17
C HIS C 118 13.78 -12.39 -26.40
N GLN C 119 13.80 -12.73 -25.11
CA GLN C 119 12.61 -12.72 -24.27
C GLN C 119 13.01 -12.19 -22.91
N GLY C 120 12.00 -11.72 -22.17
CA GLY C 120 12.20 -11.19 -20.86
C GLY C 120 11.34 -9.96 -20.60
N ALA C 121 11.00 -9.79 -19.33
CA ALA C 121 10.19 -8.69 -18.95
C ALA C 121 10.64 -8.08 -17.63
N LEU C 122 10.98 -6.80 -17.75
CA LEU C 122 11.37 -5.99 -16.61
C LEU C 122 10.22 -5.21 -16.01
N GLY C 123 9.96 -5.36 -14.72
CA GLY C 123 8.99 -4.53 -14.03
C GLY C 123 9.68 -3.27 -13.50
N VAL C 124 9.27 -2.10 -13.97
CA VAL C 124 9.83 -0.84 -13.52
C VAL C 124 8.83 -0.12 -12.61
N PHE C 125 9.18 -0.05 -11.33
CA PHE C 125 8.32 0.52 -10.29
C PHE C 125 8.81 1.81 -9.64
N ALA C 126 7.94 2.79 -9.51
CA ALA C 126 8.26 4.02 -8.79
C ALA C 126 7.55 4.03 -7.44
N VAL C 127 8.30 3.85 -6.36
CA VAL C 127 7.72 3.74 -5.02
C VAL C 127 7.88 5.00 -4.17
N PRO C 128 6.83 5.66 -3.68
CA PRO C 128 6.93 6.81 -2.78
C PRO C 128 7.49 6.28 -1.46
N GLU C 129 8.42 6.95 -0.79
CA GLU C 129 9.00 6.47 0.47
C GLU C 129 9.45 5.00 0.51
N MET C 130 10.31 4.58 -0.43
CA MET C 130 10.79 3.19 -0.49
C MET C 130 11.79 2.79 0.59
N CYS C 131 11.28 2.66 1.80
CA CYS C 131 12.10 2.20 2.92
C CYS C 131 12.46 0.74 2.73
N LEU C 132 13.73 0.43 2.60
CA LEU C 132 14.15 -0.96 2.49
C LEU C 132 14.63 -1.62 3.79
N ALA C 133 14.52 -2.94 3.86
CA ALA C 133 14.97 -3.69 5.02
C ALA C 133 16.47 -3.88 5.13
N GLY C 134 16.94 -3.85 6.36
CA GLY C 134 18.36 -3.99 6.64
C GLY C 134 18.85 -5.42 6.80
N ASP C 135 20.17 -5.59 6.89
CA ASP C 135 20.78 -6.88 7.04
C ASP C 135 20.88 -7.50 8.44
N SER C 136 20.28 -6.92 9.46
CA SER C 136 20.43 -7.46 10.79
C SER C 136 19.23 -8.07 11.51
N ASN C 137 19.49 -9.24 12.07
CA ASN C 137 18.53 -9.90 12.95
C ASN C 137 18.80 -9.63 14.43
N THR C 138 19.64 -8.69 14.82
CA THR C 138 19.88 -8.45 16.25
C THR C 138 19.55 -7.01 16.64
N THR C 139 19.72 -6.13 15.69
CA THR C 139 19.36 -4.72 15.83
C THR C 139 18.46 -4.31 14.67
N THR C 140 17.64 -3.29 14.77
CA THR C 140 16.76 -2.86 13.68
C THR C 140 16.96 -1.40 13.27
N MET C 141 16.43 -0.93 12.12
CA MET C 141 16.56 0.45 11.64
C MET C 141 17.97 1.03 11.64
N HIS C 142 18.92 0.13 11.42
CA HIS C 142 20.31 0.48 11.60
C HIS C 142 21.22 0.57 10.38
N THR C 143 20.65 0.77 9.19
CA THR C 143 21.46 0.85 7.97
C THR C 143 22.12 2.21 7.93
N SER C 144 23.43 2.28 7.75
CA SER C 144 24.13 3.56 7.70
C SER C 144 23.73 4.47 6.53
N TYR C 145 23.77 5.79 6.71
CA TYR C 145 23.48 6.74 5.64
C TYR C 145 24.27 6.48 4.36
N GLN C 146 25.54 6.10 4.53
CA GLN C 146 26.44 5.79 3.41
C GLN C 146 25.89 4.59 2.64
N ASN C 147 25.53 3.53 3.35
CA ASN C 147 24.95 2.37 2.68
C ASN C 147 23.56 2.56 2.09
N ALA C 148 22.77 3.40 2.76
CA ALA C 148 21.43 3.72 2.31
C ALA C 148 21.38 4.58 1.06
N ASN C 149 22.47 5.30 0.81
CA ASN C 149 22.57 6.21 -0.30
C ASN C 149 23.67 5.92 -1.30
N PRO C 150 23.47 5.00 -2.24
CA PRO C 150 24.52 4.55 -3.16
C PRO C 150 24.82 5.56 -4.26
N GLY C 151 24.15 6.71 -4.31
CA GLY C 151 24.25 7.60 -5.45
C GLY C 151 23.83 6.95 -6.79
N GLU C 152 24.40 7.45 -7.87
CA GLU C 152 24.19 6.96 -9.23
C GLU C 152 24.25 5.47 -9.46
N LYS C 153 25.17 4.87 -8.74
CA LYS C 153 25.48 3.46 -8.78
C LYS C 153 24.31 2.53 -8.43
N GLY C 154 23.43 3.05 -7.58
CA GLY C 154 22.30 2.28 -7.10
C GLY C 154 22.67 1.06 -6.27
N GLY C 155 21.69 0.21 -6.09
CA GLY C 155 21.88 -1.02 -5.36
C GLY C 155 21.18 -2.17 -6.07
N THR C 156 21.31 -3.38 -5.56
CA THR C 156 20.67 -4.53 -6.17
C THR C 156 19.80 -5.32 -5.23
N PHE C 157 18.86 -6.08 -5.77
CA PHE C 157 18.07 -6.97 -4.94
C PHE C 157 18.75 -8.33 -4.83
N THR C 158 18.40 -9.08 -3.81
CA THR C 158 18.91 -10.43 -3.63
C THR C 158 17.77 -11.46 -3.59
N GLY C 159 17.98 -12.70 -4.02
CA GLY C 159 16.97 -13.73 -3.86
C GLY C 159 16.94 -14.37 -2.49
N THR C 160 17.88 -14.02 -1.63
CA THR C 160 18.07 -14.69 -0.33
C THR C 160 18.43 -13.79 0.81
N PHE C 161 17.66 -13.83 1.90
CA PHE C 161 18.03 -13.02 3.05
C PHE C 161 19.15 -13.66 3.81
N THR C 162 20.27 -12.98 3.83
CA THR C 162 21.42 -13.51 4.56
C THR C 162 21.98 -12.56 5.62
N PRO C 163 21.63 -12.78 6.88
CA PRO C 163 21.83 -11.85 7.99
C PRO C 163 23.27 -11.55 8.33
N ASP C 164 23.63 -10.29 8.52
CA ASP C 164 24.95 -9.93 8.98
C ASP C 164 25.27 -10.42 10.38
N ASN C 165 26.02 -11.51 10.49
CA ASN C 165 26.44 -11.94 11.81
C ASN C 165 27.63 -11.28 12.49
N ASN C 166 28.37 -10.41 11.82
CA ASN C 166 29.48 -9.71 12.46
C ASN C 166 29.04 -8.69 13.51
N GLN C 167 28.66 -9.12 14.73
CA GLN C 167 28.22 -8.17 15.76
C GLN C 167 29.21 -7.13 16.22
N THR C 168 30.52 -7.33 15.95
CA THR C 168 31.50 -6.35 16.41
C THR C 168 31.77 -5.22 15.45
N SER C 169 31.65 -5.52 14.16
CA SER C 169 31.80 -4.54 13.10
C SER C 169 30.71 -4.79 12.11
N PRO C 170 29.47 -4.35 12.44
CA PRO C 170 28.31 -4.60 11.64
C PRO C 170 28.38 -3.94 10.28
N ALA C 171 28.04 -4.68 9.23
CA ALA C 171 28.01 -4.13 7.88
C ALA C 171 27.12 -2.91 7.66
N ARG C 172 26.07 -2.82 8.50
CA ARG C 172 25.07 -1.76 8.45
C ARG C 172 24.50 -1.39 7.10
N ARG C 173 24.17 -2.41 6.34
CA ARG C 173 23.55 -2.19 5.06
C ARG C 173 22.22 -2.90 4.78
N PHE C 174 21.55 -2.55 3.69
CA PHE C 174 20.28 -3.17 3.33
C PHE C 174 20.41 -4.62 2.89
N CYS C 175 19.40 -5.46 3.03
CA CYS C 175 19.45 -6.78 2.43
C CYS C 175 18.12 -7.03 1.74
N PRO C 176 17.86 -6.41 0.59
CA PRO C 176 16.55 -6.35 -0.04
C PRO C 176 16.19 -7.62 -0.77
N VAL C 177 15.37 -8.50 -0.18
CA VAL C 177 14.98 -9.71 -0.88
C VAL C 177 13.94 -9.46 -1.96
N ASP C 178 14.25 -9.79 -3.20
CA ASP C 178 13.37 -9.54 -4.34
C ASP C 178 11.89 -9.88 -4.27
N TYR C 179 11.43 -11.09 -3.96
CA TYR C 179 9.97 -11.35 -3.91
C TYR C 179 9.25 -10.64 -2.78
N LEU C 180 10.00 -10.07 -1.86
CA LEU C 180 9.43 -9.28 -0.80
C LEU C 180 9.66 -7.77 -0.99
N LEU C 181 9.94 -7.38 -2.24
CA LEU C 181 10.25 -6.01 -2.65
C LEU C 181 11.25 -5.28 -1.74
N GLY C 182 12.13 -6.08 -1.14
CA GLY C 182 13.08 -5.59 -0.17
C GLY C 182 12.45 -4.91 1.05
N ASN C 183 11.16 -5.01 1.30
CA ASN C 183 10.54 -4.34 2.45
C ASN C 183 9.50 -5.14 3.21
N GLY C 184 9.34 -6.42 2.91
CA GLY C 184 8.41 -7.22 3.68
C GLY C 184 7.02 -7.35 3.08
N THR C 185 6.82 -6.83 1.86
CA THR C 185 5.52 -6.95 1.19
C THR C 185 5.68 -7.77 -0.10
N LEU C 186 4.68 -8.47 -0.64
CA LEU C 186 4.94 -9.29 -1.82
C LEU C 186 5.03 -8.58 -3.16
N LEU C 187 6.08 -8.87 -3.94
CA LEU C 187 6.29 -8.23 -5.24
C LEU C 187 5.10 -8.22 -6.20
N GLY C 188 4.32 -9.29 -6.28
CA GLY C 188 3.15 -9.30 -7.17
C GLY C 188 2.17 -8.14 -6.91
N ASN C 189 2.16 -7.56 -5.71
CA ASN C 189 1.31 -6.43 -5.44
C ASN C 189 1.97 -5.06 -5.70
N ALA C 190 3.25 -5.04 -6.04
CA ALA C 190 3.94 -3.77 -6.31
C ALA C 190 3.33 -2.97 -7.46
N PHE C 191 2.49 -3.62 -8.25
CA PHE C 191 1.76 -2.95 -9.32
C PHE C 191 0.77 -1.89 -8.83
N VAL C 192 0.41 -1.82 -7.53
CA VAL C 192 -0.36 -0.67 -7.05
C VAL C 192 0.52 0.59 -7.03
N PHE C 193 1.83 0.45 -7.16
CA PHE C 193 2.69 1.61 -7.34
C PHE C 193 2.76 2.01 -8.81
N PRO C 194 2.92 3.30 -9.16
CA PRO C 194 3.17 3.71 -10.54
C PRO C 194 4.25 2.91 -11.23
N HIS C 195 3.92 2.33 -12.38
CA HIS C 195 4.86 1.42 -13.03
C HIS C 195 4.67 1.25 -14.53
N GLN C 196 5.67 0.66 -15.17
CA GLN C 196 5.52 0.16 -16.54
C GLN C 196 6.28 -1.15 -16.67
N ILE C 197 6.00 -1.93 -17.69
CA ILE C 197 6.74 -3.16 -17.91
C ILE C 197 7.49 -3.10 -19.21
N ILE C 198 8.80 -3.33 -19.20
CA ILE C 198 9.52 -3.47 -20.48
C ILE C 198 9.49 -4.96 -20.83
N ASN C 199 8.55 -5.32 -21.68
CA ASN C 199 8.47 -6.69 -22.16
C ASN C 199 9.18 -6.67 -23.51
N LEU C 200 10.33 -7.31 -23.64
CA LEU C 200 11.14 -7.19 -24.87
C LEU C 200 10.46 -7.42 -26.20
N ARG C 201 9.38 -8.22 -26.29
CA ARG C 201 8.66 -8.34 -27.55
C ARG C 201 7.78 -7.15 -27.94
N THR C 202 7.53 -6.32 -26.96
CA THR C 202 6.64 -5.15 -27.08
C THR C 202 7.34 -3.82 -27.08
N ASN C 203 8.25 -3.55 -26.11
CA ASN C 203 8.84 -2.22 -26.01
C ASN C 203 10.30 -2.08 -25.62
N ASN C 204 11.05 -1.08 -26.10
CA ASN C 204 12.46 -0.87 -25.70
C ASN C 204 12.53 -0.08 -24.40
N CYS C 205 11.45 0.51 -23.92
CA CYS C 205 11.56 1.44 -22.81
C CYS C 205 10.39 1.63 -21.90
N ALA C 206 10.70 2.25 -20.77
CA ALA C 206 9.67 2.67 -19.81
C ALA C 206 9.84 4.14 -19.47
N THR C 207 8.74 4.88 -19.43
CA THR C 207 8.78 6.29 -19.08
C THR C 207 7.75 6.66 -18.05
N LEU C 208 8.29 7.09 -16.93
CA LEU C 208 7.48 7.48 -15.79
C LEU C 208 7.66 8.94 -15.42
N VAL C 209 6.60 9.71 -15.42
CA VAL C 209 6.67 11.09 -14.94
C VAL C 209 6.17 11.14 -13.49
N LEU C 210 7.07 11.52 -12.61
CA LEU C 210 6.85 11.56 -11.17
C LEU C 210 6.68 12.94 -10.55
N PRO C 211 5.53 13.22 -9.90
CA PRO C 211 5.31 14.42 -9.13
C PRO C 211 6.17 14.43 -7.87
N TYR C 212 6.41 15.58 -7.25
CA TYR C 212 6.99 15.59 -5.92
C TYR C 212 5.94 15.02 -4.97
N VAL C 213 6.27 13.96 -4.26
CA VAL C 213 5.36 13.39 -3.28
C VAL C 213 6.02 13.41 -1.92
N ASN C 214 5.32 13.92 -0.92
CA ASN C 214 5.80 14.00 0.45
C ASN C 214 4.66 14.41 1.39
N SER C 215 4.84 14.33 2.69
CA SER C 215 3.85 14.81 3.67
C SER C 215 4.06 16.27 4.07
N LEU C 216 5.03 16.86 3.40
CA LEU C 216 5.47 18.23 3.54
C LEU C 216 5.56 18.88 2.15
N SER C 217 5.35 20.19 2.00
CA SER C 217 5.53 20.86 0.70
C SER C 217 6.96 20.93 0.20
N ILE C 218 7.93 20.96 1.11
CA ILE C 218 9.34 20.96 0.76
C ILE C 218 10.15 20.35 1.91
N ASP C 219 11.33 19.78 1.68
CA ASP C 219 12.06 19.06 2.74
C ASP C 219 13.56 19.06 2.49
N SER C 220 14.32 18.44 3.36
CA SER C 220 15.75 18.24 3.16
C SER C 220 16.08 17.15 2.16
N MET C 221 16.51 17.51 0.95
CA MET C 221 16.85 16.47 -0.04
C MET C 221 18.05 15.61 0.35
N VAL C 222 18.94 16.16 1.18
CA VAL C 222 20.09 15.43 1.65
C VAL C 222 19.73 14.43 2.74
N LYS C 223 18.78 14.74 3.61
CA LYS C 223 18.38 13.76 4.63
C LYS C 223 17.34 12.76 4.17
N HIS C 224 16.58 13.12 3.14
CA HIS C 224 15.42 12.35 2.73
C HIS C 224 15.16 12.10 1.24
N ASN C 225 15.03 10.85 0.89
CA ASN C 225 14.68 10.47 -0.48
C ASN C 225 13.17 10.34 -0.65
N ASN C 226 12.60 10.90 -1.72
CA ASN C 226 11.13 10.88 -1.88
C ASN C 226 10.59 9.70 -2.66
N TRP C 227 11.36 9.31 -3.66
CA TRP C 227 10.98 8.22 -4.55
C TRP C 227 12.06 7.15 -4.64
N GLY C 228 11.67 5.89 -4.82
CA GLY C 228 12.61 4.82 -5.09
C GLY C 228 12.30 4.23 -6.44
N ILE C 229 13.28 3.97 -7.29
CA ILE C 229 13.04 3.30 -8.56
C ILE C 229 13.47 1.85 -8.37
N ALA C 230 12.56 0.92 -8.52
CA ALA C 230 12.90 -0.50 -8.44
C ALA C 230 12.67 -1.19 -9.77
N ILE C 231 13.71 -1.84 -10.32
CA ILE C 231 13.59 -2.57 -11.58
C ILE C 231 13.85 -4.04 -11.32
N LEU C 232 12.86 -4.90 -11.50
CA LEU C 232 13.04 -6.33 -11.28
C LEU C 232 12.62 -7.23 -12.45
N PRO C 233 13.34 -8.29 -12.79
CA PRO C 233 12.93 -9.19 -13.84
C PRO C 233 11.73 -10.04 -13.49
N LEU C 234 10.57 -9.68 -14.03
CA LEU C 234 9.35 -10.46 -13.81
C LEU C 234 9.41 -11.76 -14.61
N ALA C 235 10.07 -11.66 -15.74
CA ALA C 235 10.33 -12.83 -16.58
C ALA C 235 11.80 -12.78 -17.00
N PRO C 236 12.59 -13.81 -16.72
CA PRO C 236 14.03 -13.80 -16.93
C PRO C 236 14.48 -13.65 -18.36
N LEU C 237 15.64 -13.01 -18.54
CA LEU C 237 16.21 -12.86 -19.86
C LEU C 237 16.55 -14.18 -20.52
N ASN C 238 16.19 -14.25 -21.78
CA ASN C 238 16.47 -15.43 -22.58
C ASN C 238 16.74 -15.15 -24.03
N PHE C 239 17.67 -15.89 -24.62
CA PHE C 239 18.02 -15.67 -25.99
C PHE C 239 18.47 -16.90 -26.75
N ALA C 240 17.80 -17.11 -27.90
CA ALA C 240 18.08 -18.23 -28.80
C ALA C 240 18.36 -19.54 -28.11
N SER C 241 19.62 -19.77 -27.76
CA SER C 241 19.99 -20.94 -26.95
C SER C 241 21.21 -20.67 -26.10
N GLU C 242 21.65 -19.40 -26.08
CA GLU C 242 22.87 -19.07 -25.39
C GLU C 242 22.69 -19.20 -23.88
N SER C 243 23.48 -20.06 -23.26
CA SER C 243 23.48 -20.23 -21.81
C SER C 243 23.74 -18.97 -21.01
N SER C 244 24.56 -18.04 -21.51
CA SER C 244 24.79 -16.78 -20.80
C SER C 244 24.59 -15.45 -21.54
N PRO C 245 23.33 -15.07 -21.87
CA PRO C 245 23.04 -13.86 -22.58
C PRO C 245 23.17 -12.61 -21.69
N GLU C 246 23.35 -11.48 -22.31
CA GLU C 246 23.42 -10.21 -21.63
C GLU C 246 22.81 -9.08 -22.47
N ILE C 247 22.02 -8.18 -21.88
CA ILE C 247 21.65 -6.95 -22.57
C ILE C 247 21.70 -5.78 -21.59
N PRO C 248 22.14 -4.59 -22.01
CA PRO C 248 22.27 -3.43 -21.15
C PRO C 248 20.96 -2.76 -20.77
N ILE C 249 20.93 -2.20 -19.57
CA ILE C 249 19.82 -1.35 -19.16
C ILE C 249 20.42 0.01 -18.83
N THR C 250 20.00 1.03 -19.56
CA THR C 250 20.42 2.39 -19.27
C THR C 250 19.29 3.24 -18.70
N LEU C 251 19.64 3.92 -17.62
CA LEU C 251 18.69 4.78 -16.89
C LEU C 251 18.91 6.29 -17.11
N THR C 252 17.98 7.02 -17.69
CA THR C 252 18.15 8.49 -17.86
C THR C 252 17.06 9.24 -17.12
N ILE C 253 17.42 10.13 -16.21
CA ILE C 253 16.47 10.85 -15.38
C ILE C 253 16.61 12.37 -15.44
N ALA C 254 15.48 13.05 -15.56
CA ALA C 254 15.45 14.51 -15.57
C ALA C 254 14.70 15.10 -14.38
N PRO C 255 15.29 15.94 -13.55
CA PRO C 255 14.54 16.73 -12.60
C PRO C 255 13.55 17.66 -13.29
N MET C 256 12.40 17.86 -12.68
CA MET C 256 11.35 18.70 -13.24
C MET C 256 10.77 19.62 -12.20
N CYS C 257 10.57 20.91 -12.55
CA CYS C 257 10.00 21.92 -11.65
C CYS C 257 10.66 21.98 -10.27
N CYS C 258 11.97 21.84 -10.22
CA CYS C 258 12.68 21.89 -8.94
C CYS C 258 12.97 23.27 -8.39
N GLU C 259 12.70 23.43 -7.10
CA GLU C 259 13.02 24.68 -6.44
C GLU C 259 13.64 24.43 -5.07
N PHE C 260 14.51 25.37 -4.71
CA PHE C 260 15.30 25.27 -3.51
C PHE C 260 15.21 26.44 -2.55
N ASN C 261 15.10 26.19 -1.26
CA ASN C 261 15.10 27.24 -0.24
C ASN C 261 16.19 27.07 0.80
N GLY C 262 16.48 28.13 1.56
CA GLY C 262 17.49 28.07 2.59
C GLY C 262 18.94 28.01 2.10
N LEU C 263 19.39 29.00 1.35
CA LEU C 263 20.76 29.07 0.85
C LEU C 263 21.78 29.41 1.94
N ARG C 264 22.86 28.66 1.92
CA ARG C 264 23.99 28.86 2.81
C ARG C 264 25.26 28.27 2.21
N ASN C 265 26.26 27.85 2.99
CA ASN C 265 27.45 27.22 2.45
C ASN C 265 27.17 25.78 2.01
N ILE C 266 27.97 25.20 1.11
CA ILE C 266 27.70 23.84 0.64
C ILE C 266 27.81 22.69 1.63
N THR C 267 26.85 21.78 1.59
CA THR C 267 26.91 20.57 2.38
C THR C 267 27.92 19.58 1.81
N LEU C 268 28.86 19.18 2.64
CA LEU C 268 29.84 18.18 2.26
C LEU C 268 29.66 16.89 3.05
N PRO C 269 28.87 15.93 2.54
CA PRO C 269 28.46 14.76 3.30
C PRO C 269 29.56 13.72 3.46
N ARG C 270 29.53 12.95 4.53
CA ARG C 270 30.41 11.80 4.68
C ARG C 270 29.76 10.66 3.90
N LEU C 271 30.16 10.46 2.65
CA LEU C 271 29.60 9.37 1.86
C LEU C 271 30.31 8.04 1.80
N GLN C 272 31.41 7.94 2.49
CA GLN C 272 32.12 6.68 2.71
C GLN C 272 32.32 6.50 4.21
N GLY D 1 -33.01 17.75 38.69
CA GLY D 1 -32.90 18.13 37.29
C GLY D 1 -33.83 17.39 36.33
N LEU D 2 -33.64 17.29 35.03
CA LEU D 2 -34.53 16.57 34.11
C LEU D 2 -34.69 15.10 34.46
N PRO D 3 -35.88 14.60 34.73
CA PRO D 3 -36.12 13.19 34.99
C PRO D 3 -35.66 12.28 33.86
N VAL D 4 -34.59 11.54 34.01
CA VAL D 4 -34.11 10.58 33.02
C VAL D 4 -34.16 9.12 33.46
N MET D 5 -34.05 8.16 32.56
CA MET D 5 -34.09 6.75 32.92
C MET D 5 -33.11 5.96 32.05
N ASN D 6 -32.13 5.33 32.68
CA ASN D 6 -31.12 4.55 31.97
C ASN D 6 -31.56 3.31 31.25
N THR D 7 -31.27 3.21 29.97
CA THR D 7 -31.64 2.02 29.20
C THR D 7 -30.53 0.99 29.19
N PRO D 8 -30.73 -0.30 28.89
CA PRO D 8 -29.63 -1.18 28.56
C PRO D 8 -28.67 -0.63 27.53
N GLY D 9 -27.44 -1.07 27.58
CA GLY D 9 -26.37 -0.49 26.78
C GLY D 9 -25.61 0.59 27.56
N SER D 10 -26.23 1.20 28.57
CA SER D 10 -25.55 2.19 29.41
C SER D 10 -24.21 1.84 29.98
N ASN D 11 -23.18 2.64 29.76
CA ASN D 11 -21.78 2.48 30.21
C ASN D 11 -20.96 1.42 29.48
N GLN D 12 -21.53 0.75 28.49
CA GLN D 12 -20.76 -0.22 27.74
C GLN D 12 -19.79 0.44 26.77
N TYR D 13 -18.77 -0.30 26.37
CA TYR D 13 -17.93 0.19 25.33
C TYR D 13 -17.98 -0.69 24.07
N LEU D 14 -18.79 -0.24 23.10
CA LEU D 14 -18.80 -0.92 21.80
C LEU D 14 -17.66 -0.34 20.92
N THR D 15 -16.70 -1.15 20.53
CA THR D 15 -15.58 -0.65 19.72
C THR D 15 -15.93 -0.14 18.35
N ALA D 16 -17.12 -0.50 17.88
CA ALA D 16 -17.69 0.05 16.65
C ALA D 16 -18.65 1.22 16.90
N ASP D 17 -18.67 1.83 18.09
CA ASP D 17 -19.59 2.94 18.32
C ASP D 17 -19.18 4.25 17.62
N ASN D 18 -20.08 5.22 17.57
CA ASN D 18 -19.79 6.48 16.93
C ASN D 18 -20.31 7.70 17.69
N PHE D 19 -19.61 8.08 18.74
CA PHE D 19 -20.06 9.16 19.60
C PHE D 19 -19.09 10.33 19.75
N GLN D 20 -19.59 11.47 20.17
CA GLN D 20 -18.73 12.61 20.48
C GLN D 20 -18.01 12.38 21.81
N SER D 21 -16.83 12.94 21.97
CA SER D 21 -16.11 12.85 23.23
C SER D 21 -15.29 14.11 23.48
N PRO D 22 -14.97 14.54 24.71
CA PRO D 22 -14.24 15.77 24.95
C PRO D 22 -12.85 15.82 24.35
N CYS D 23 -12.48 16.97 23.79
CA CYS D 23 -11.15 17.12 23.23
C CYS D 23 -10.08 17.45 24.26
N ALA D 24 -9.04 16.67 24.31
CA ALA D 24 -7.95 16.89 25.27
C ALA D 24 -7.00 18.03 24.99
N LEU D 25 -6.99 18.50 23.75
CA LEU D 25 -6.17 19.65 23.38
C LEU D 25 -7.06 20.72 22.74
N PRO D 26 -7.82 21.52 23.51
CA PRO D 26 -8.67 22.57 22.97
C PRO D 26 -7.91 23.67 22.25
N GLU D 27 -8.51 24.33 21.29
CA GLU D 27 -7.90 25.42 20.52
C GLU D 27 -6.54 25.22 19.86
N PHE D 28 -6.13 23.95 19.71
CA PHE D 28 -4.91 23.56 19.04
C PHE D 28 -4.90 24.03 17.60
N ASP D 29 -3.84 24.72 17.20
CA ASP D 29 -3.71 25.17 15.84
C ASP D 29 -3.30 24.08 14.86
N VAL D 30 -4.28 23.46 14.25
CA VAL D 30 -4.04 22.38 13.29
C VAL D 30 -3.30 22.74 12.00
N THR D 31 -2.30 21.95 11.61
CA THR D 31 -1.66 22.17 10.31
C THR D 31 -2.62 21.83 9.19
N PRO D 32 -2.83 22.71 8.20
CA PRO D 32 -3.72 22.50 7.09
C PRO D 32 -3.26 21.37 6.18
N PRO D 33 -4.14 20.73 5.43
CA PRO D 33 -3.72 19.76 4.44
C PRO D 33 -3.03 20.41 3.26
N ILE D 34 -2.18 19.67 2.56
CA ILE D 34 -1.69 20.13 1.26
C ILE D 34 -2.19 19.13 0.22
N ASP D 35 -2.13 19.41 -1.06
CA ASP D 35 -2.65 18.48 -2.05
C ASP D 35 -1.68 17.36 -2.44
N ILE D 36 -1.58 16.36 -1.56
CA ILE D 36 -0.72 15.21 -1.81
C ILE D 36 -1.27 14.37 -2.95
N PRO D 37 -0.49 14.03 -3.98
CA PRO D 37 -0.93 13.07 -4.98
C PRO D 37 -1.24 11.67 -4.46
N GLY D 38 -2.17 10.99 -5.13
CA GLY D 38 -2.52 9.61 -4.78
C GLY D 38 -3.54 9.40 -3.66
N GLU D 39 -4.50 10.29 -3.44
CA GLU D 39 -5.51 10.04 -2.41
C GLU D 39 -6.47 8.89 -2.74
N VAL D 40 -6.79 8.08 -1.76
CA VAL D 40 -7.74 6.98 -1.92
C VAL D 40 -9.01 7.25 -1.12
N LYS D 41 -10.18 7.05 -1.71
CA LYS D 41 -11.44 7.20 -0.96
C LYS D 41 -12.10 5.90 -0.54
N ASN D 42 -11.85 4.81 -1.26
CA ASN D 42 -12.50 3.53 -0.93
C ASN D 42 -11.58 2.35 -1.18
N MET D 43 -11.48 1.36 -0.27
CA MET D 43 -10.62 0.20 -0.45
C MET D 43 -10.83 -0.55 -1.79
N MET D 44 -12.04 -0.56 -2.31
CA MET D 44 -12.31 -1.18 -3.58
C MET D 44 -11.58 -0.59 -4.78
N GLU D 45 -11.17 0.68 -4.68
CA GLU D 45 -10.31 1.29 -5.70
C GLU D 45 -9.03 0.46 -5.88
N LEU D 46 -8.48 -0.02 -4.77
CA LEU D 46 -7.27 -0.81 -4.80
C LEU D 46 -7.49 -2.19 -5.37
N ALA D 47 -8.65 -2.77 -5.07
CA ALA D 47 -9.03 -4.06 -5.65
C ALA D 47 -9.21 -4.02 -7.16
N GLU D 48 -9.49 -2.85 -7.72
CA GLU D 48 -9.60 -2.70 -9.18
C GLU D 48 -8.27 -2.57 -9.92
N ILE D 49 -7.16 -2.46 -9.21
CA ILE D 49 -5.81 -2.42 -9.81
C ILE D 49 -5.30 -3.82 -10.13
N ASP D 50 -4.86 -4.13 -11.33
CA ASP D 50 -4.23 -5.43 -11.62
C ASP D 50 -3.01 -5.77 -10.78
N THR D 51 -3.04 -6.93 -10.16
CA THR D 51 -1.92 -7.44 -9.38
C THR D 51 -1.50 -8.82 -9.84
N MET D 52 -0.22 -9.16 -9.77
CA MET D 52 0.26 -10.43 -10.30
C MET D 52 0.01 -11.68 -9.44
N ILE D 53 -0.52 -12.72 -10.03
CA ILE D 53 -0.86 -13.99 -9.36
C ILE D 53 0.31 -14.96 -9.14
N PRO D 54 0.59 -15.48 -7.94
CA PRO D 54 1.61 -16.50 -7.70
C PRO D 54 1.04 -17.84 -8.15
N PHE D 55 0.90 -18.08 -9.45
CA PHE D 55 0.31 -19.34 -9.94
C PHE D 55 0.99 -20.63 -9.54
N ASP D 56 2.31 -20.64 -9.61
CA ASP D 56 3.06 -21.86 -9.36
C ASP D 56 3.56 -21.99 -7.93
N LEU D 57 2.69 -22.30 -6.97
CA LEU D 57 3.14 -22.50 -5.60
C LEU D 57 3.63 -23.91 -5.28
N SER D 58 4.40 -24.45 -6.23
CA SER D 58 4.98 -25.77 -6.08
C SER D 58 6.04 -25.74 -4.99
N ALA D 59 6.30 -26.86 -4.31
CA ALA D 59 7.29 -26.90 -3.22
C ALA D 59 8.65 -26.24 -3.43
N THR D 60 9.15 -26.22 -4.65
CA THR D 60 10.41 -25.54 -4.92
C THR D 60 10.29 -24.15 -5.51
N LYS D 61 9.11 -23.77 -5.98
CA LYS D 61 8.94 -22.44 -6.54
C LYS D 61 8.25 -21.45 -5.61
N LYS D 62 7.43 -21.93 -4.66
CA LYS D 62 6.74 -21.04 -3.74
C LYS D 62 7.67 -20.14 -2.94
N ASN D 63 7.23 -18.94 -2.58
CA ASN D 63 8.04 -17.97 -1.85
C ASN D 63 9.37 -17.63 -2.53
N THR D 64 9.38 -17.73 -3.85
CA THR D 64 10.51 -17.25 -4.65
C THR D 64 9.94 -16.48 -5.84
N MET D 65 10.75 -15.74 -6.59
CA MET D 65 10.31 -15.06 -7.81
C MET D 65 9.66 -15.98 -8.86
N GLU D 66 10.02 -17.27 -8.80
CA GLU D 66 9.53 -18.27 -9.73
C GLU D 66 8.05 -18.59 -9.66
N MET D 67 7.43 -18.41 -8.49
CA MET D 67 6.01 -18.68 -8.33
C MET D 67 5.10 -17.87 -9.23
N TYR D 68 5.59 -16.74 -9.72
CA TYR D 68 4.82 -15.89 -10.62
C TYR D 68 4.89 -16.29 -12.09
N ARG D 69 5.77 -17.17 -12.48
CA ARG D 69 5.96 -17.51 -13.89
C ARG D 69 5.30 -18.76 -14.40
N VAL D 70 4.33 -18.70 -15.28
CA VAL D 70 3.79 -19.95 -15.84
C VAL D 70 4.53 -20.28 -17.13
N ARG D 71 5.34 -21.32 -17.06
CA ARG D 71 6.11 -21.82 -18.20
C ARG D 71 5.30 -22.49 -19.31
N LEU D 72 5.52 -22.06 -20.53
CA LEU D 72 4.91 -22.68 -21.69
C LEU D 72 6.02 -23.19 -22.61
N SER D 73 5.70 -24.03 -23.59
CA SER D 73 6.71 -24.48 -24.55
C SER D 73 6.18 -24.79 -25.92
N ASP D 74 7.02 -24.89 -26.95
CA ASP D 74 6.58 -25.22 -28.30
C ASP D 74 6.20 -26.68 -28.57
N LYS D 75 5.84 -27.40 -27.55
CA LYS D 75 5.53 -28.83 -27.67
C LYS D 75 4.26 -29.14 -28.44
N PRO D 76 4.02 -30.37 -28.97
CA PRO D 76 2.83 -30.64 -29.73
C PRO D 76 1.54 -30.45 -28.96
N HIS D 77 0.46 -30.15 -29.69
CA HIS D 77 -0.81 -29.93 -29.04
C HIS D 77 -1.28 -31.04 -28.14
N THR D 78 -1.59 -30.62 -26.93
CA THR D 78 -2.21 -31.47 -25.94
C THR D 78 -3.52 -30.83 -25.48
N ASP D 79 -4.47 -31.63 -24.98
CA ASP D 79 -5.70 -31.09 -24.38
C ASP D 79 -5.69 -30.99 -22.87
N ASP D 80 -4.49 -31.18 -22.30
CA ASP D 80 -4.28 -31.06 -20.88
C ASP D 80 -4.05 -29.64 -20.36
N PRO D 81 -4.45 -29.28 -19.14
CA PRO D 81 -4.33 -27.93 -18.63
C PRO D 81 -2.93 -27.39 -18.42
N ILE D 82 -2.74 -26.12 -18.76
CA ILE D 82 -1.52 -25.38 -18.42
C ILE D 82 -1.59 -25.06 -16.93
N LEU D 83 -2.75 -24.58 -16.48
CA LEU D 83 -2.96 -24.30 -15.07
C LEU D 83 -4.43 -24.51 -14.70
N CYS D 84 -4.69 -24.81 -13.44
CA CYS D 84 -6.03 -25.01 -12.90
C CYS D 84 -6.18 -24.19 -11.64
N LEU D 85 -7.29 -23.49 -11.47
CA LEU D 85 -7.44 -22.55 -10.36
C LEU D 85 -8.85 -22.50 -9.81
N SER D 86 -9.07 -22.70 -8.52
CA SER D 86 -10.42 -22.50 -7.98
C SER D 86 -10.82 -21.06 -7.72
N LEU D 87 -11.99 -20.60 -8.18
CA LEU D 87 -12.44 -19.24 -7.92
C LEU D 87 -12.87 -18.99 -6.48
N SER D 88 -11.84 -18.83 -5.64
CA SER D 88 -12.00 -18.57 -4.24
C SER D 88 -11.08 -17.41 -3.86
N PRO D 89 -11.38 -16.17 -4.29
CA PRO D 89 -10.44 -15.08 -4.30
C PRO D 89 -9.76 -14.77 -2.97
N ALA D 90 -10.47 -14.99 -1.88
CA ALA D 90 -9.86 -14.81 -0.56
C ALA D 90 -9.17 -16.01 0.06
N SER D 91 -9.52 -17.22 -0.34
CA SER D 91 -8.98 -18.41 0.30
C SER D 91 -8.08 -19.30 -0.53
N ASP D 92 -8.22 -19.35 -1.85
CA ASP D 92 -7.30 -20.12 -2.67
C ASP D 92 -5.87 -19.57 -2.56
N PRO D 93 -4.83 -20.35 -2.30
CA PRO D 93 -3.49 -19.84 -1.97
C PRO D 93 -2.89 -18.95 -3.03
N ARG D 94 -3.24 -19.24 -4.28
CA ARG D 94 -2.81 -18.44 -5.40
C ARG D 94 -3.49 -17.07 -5.54
N LEU D 95 -4.71 -16.90 -5.03
CA LEU D 95 -5.39 -15.62 -5.11
C LEU D 95 -5.38 -14.84 -3.79
N SER D 96 -5.43 -15.53 -2.65
CA SER D 96 -5.50 -14.93 -1.33
C SER D 96 -4.47 -13.89 -0.91
N HIS D 97 -3.33 -13.86 -1.57
CA HIS D 97 -2.30 -12.88 -1.23
C HIS D 97 -2.06 -11.75 -2.22
N THR D 98 -2.88 -11.74 -3.26
CA THR D 98 -2.91 -10.67 -4.25
C THR D 98 -3.53 -9.42 -3.61
N MET D 99 -3.35 -8.18 -4.06
CA MET D 99 -4.04 -7.05 -3.45
C MET D 99 -5.55 -7.24 -3.27
N LEU D 100 -6.22 -7.83 -4.25
CA LEU D 100 -7.64 -8.18 -4.16
C LEU D 100 -7.88 -9.15 -3.00
N GLY D 101 -7.10 -10.23 -2.97
CA GLY D 101 -7.25 -11.26 -1.94
C GLY D 101 -7.02 -10.71 -0.54
N GLU D 102 -6.01 -9.85 -0.40
CA GLU D 102 -5.72 -9.21 0.85
C GLU D 102 -6.84 -8.31 1.36
N ILE D 103 -7.42 -7.45 0.55
CA ILE D 103 -8.56 -6.64 0.97
C ILE D 103 -9.77 -7.54 1.29
N LEU D 104 -10.00 -8.57 0.48
CA LEU D 104 -11.07 -9.52 0.75
C LEU D 104 -10.94 -10.24 2.10
N ASN D 105 -9.73 -10.44 2.58
CA ASN D 105 -9.53 -11.03 3.91
C ASN D 105 -9.77 -10.12 5.09
N TYR D 106 -10.15 -8.88 4.84
CA TYR D 106 -10.61 -7.96 5.88
C TYR D 106 -12.13 -7.88 5.90
N TYR D 107 -12.79 -8.69 5.08
CA TYR D 107 -14.24 -8.67 4.99
C TYR D 107 -14.82 -10.08 4.95
N THR D 108 -16.06 -10.27 5.38
CA THR D 108 -16.67 -11.59 5.43
C THR D 108 -17.35 -11.99 4.12
N HIS D 109 -17.84 -11.01 3.37
CA HIS D 109 -18.62 -11.29 2.17
C HIS D 109 -18.14 -10.57 0.91
N TRP D 110 -18.04 -11.23 -0.24
CA TRP D 110 -17.72 -10.54 -1.48
C TRP D 110 -18.76 -10.80 -2.57
N ALA D 111 -18.87 -9.87 -3.50
CA ALA D 111 -19.76 -10.00 -4.65
C ALA D 111 -19.29 -9.22 -5.85
N GLY D 112 -19.61 -9.66 -7.06
CA GLY D 112 -19.20 -8.95 -8.25
C GLY D 112 -18.38 -9.75 -9.24
N SER D 113 -18.03 -9.08 -10.35
CA SER D 113 -17.28 -9.73 -11.42
C SER D 113 -15.79 -9.46 -11.32
N LEU D 114 -15.00 -10.43 -11.75
CA LEU D 114 -13.55 -10.37 -11.69
C LEU D 114 -12.95 -10.44 -13.08
N LYS D 115 -11.73 -9.96 -13.28
CA LYS D 115 -11.08 -10.18 -14.56
C LYS D 115 -9.63 -10.58 -14.45
N PHE D 116 -9.33 -11.61 -15.23
CA PHE D 116 -7.99 -12.18 -15.29
C PHE D 116 -7.28 -11.78 -16.57
N THR D 117 -6.14 -11.14 -16.48
CA THR D 117 -5.39 -10.75 -17.67
C THR D 117 -4.07 -11.49 -17.74
N PHE D 118 -3.80 -12.10 -18.88
CA PHE D 118 -2.54 -12.81 -19.09
C PHE D 118 -1.59 -12.05 -20.01
N LEU D 119 -0.31 -12.00 -19.62
CA LEU D 119 0.74 -11.37 -20.41
C LEU D 119 1.74 -12.36 -20.99
N PHE D 120 1.86 -12.42 -22.32
CA PHE D 120 2.85 -13.32 -22.93
C PHE D 120 4.24 -12.70 -22.95
N CYS D 121 5.16 -13.27 -22.19
CA CYS D 121 6.51 -12.76 -22.13
C CYS D 121 7.52 -13.56 -22.95
N GLY D 122 7.07 -14.09 -24.09
CA GLY D 122 7.96 -14.83 -24.96
C GLY D 122 8.56 -13.93 -26.03
N SER D 123 9.40 -14.41 -26.94
CA SER D 123 9.92 -13.54 -28.00
C SER D 123 8.87 -13.08 -29.02
N MET D 124 9.13 -12.02 -29.79
CA MET D 124 8.22 -11.55 -30.83
C MET D 124 8.03 -12.60 -31.91
N MET D 125 9.06 -13.38 -32.18
CA MET D 125 8.99 -14.46 -33.15
C MET D 125 8.10 -15.64 -32.77
N ALA D 126 7.66 -15.70 -31.53
CA ALA D 126 6.80 -16.79 -31.07
C ALA D 126 5.32 -16.55 -31.30
N THR D 127 4.63 -17.52 -31.85
CA THR D 127 3.19 -17.38 -32.05
C THR D 127 2.41 -18.43 -31.28
N GLY D 128 1.11 -18.27 -31.10
CA GLY D 128 0.32 -19.29 -30.43
C GLY D 128 -1.13 -18.90 -30.11
N LYS D 129 -2.02 -19.89 -30.02
CA LYS D 129 -3.37 -19.61 -29.57
C LYS D 129 -3.71 -20.40 -28.29
N LEU D 130 -4.17 -19.70 -27.27
CA LEU D 130 -4.53 -20.32 -26.00
C LEU D 130 -6.00 -20.19 -25.65
N LEU D 131 -6.57 -21.10 -24.87
CA LEU D 131 -7.95 -20.98 -24.45
C LEU D 131 -8.04 -20.77 -22.94
N VAL D 132 -8.61 -19.66 -22.53
CA VAL D 132 -8.77 -19.33 -21.12
C VAL D 132 -10.23 -19.53 -20.73
N SER D 133 -10.44 -20.40 -19.76
CA SER D 133 -11.77 -20.80 -19.35
C SER D 133 -12.24 -20.53 -17.92
N TYR D 134 -13.56 -20.36 -17.81
CA TYR D 134 -14.26 -20.28 -16.53
C TYR D 134 -15.53 -21.14 -16.56
N ALA D 135 -15.51 -22.12 -15.68
CA ALA D 135 -16.66 -23.00 -15.48
C ALA D 135 -17.38 -22.72 -14.18
N PRO D 136 -18.62 -22.21 -14.18
CA PRO D 136 -19.41 -22.11 -12.99
C PRO D 136 -19.59 -23.42 -12.23
N PRO D 137 -19.80 -23.40 -10.90
CA PRO D 137 -19.67 -24.59 -10.07
C PRO D 137 -20.74 -25.67 -10.28
N GLY D 138 -20.56 -26.88 -9.78
CA GLY D 138 -21.64 -27.87 -9.85
C GLY D 138 -21.39 -29.09 -10.70
N ALA D 139 -20.45 -29.06 -11.62
CA ALA D 139 -20.07 -30.24 -12.37
C ALA D 139 -18.64 -30.69 -12.08
N ASP D 140 -18.13 -31.70 -12.80
CA ASP D 140 -16.75 -32.11 -12.70
C ASP D 140 -15.82 -30.99 -13.12
N PRO D 141 -14.86 -30.58 -12.28
CA PRO D 141 -13.88 -29.58 -12.64
C PRO D 141 -13.14 -29.94 -13.94
N PRO D 142 -13.03 -29.05 -14.93
CA PRO D 142 -12.48 -29.38 -16.22
C PRO D 142 -11.03 -29.79 -16.20
N LYS D 143 -10.75 -31.03 -16.64
CA LYS D 143 -9.36 -31.46 -16.79
C LYS D 143 -8.85 -31.63 -18.21
N LYS D 144 -9.75 -31.36 -19.16
CA LYS D 144 -9.48 -31.48 -20.57
C LYS D 144 -10.12 -30.33 -21.34
N ARG D 145 -9.48 -29.78 -22.37
CA ARG D 145 -10.05 -28.69 -23.17
C ARG D 145 -11.51 -28.90 -23.59
N LYS D 146 -11.88 -30.12 -23.99
CA LYS D 146 -13.25 -30.44 -24.35
C LYS D 146 -14.27 -30.05 -23.30
N GLU D 147 -14.00 -30.25 -22.00
CA GLU D 147 -14.95 -29.77 -21.01
C GLU D 147 -14.85 -28.29 -20.77
N ALA D 148 -13.65 -27.73 -20.77
CA ALA D 148 -13.48 -26.30 -20.56
C ALA D 148 -14.13 -25.43 -21.63
N MET D 149 -14.06 -25.89 -22.86
CA MET D 149 -14.68 -25.33 -24.04
C MET D 149 -16.17 -24.99 -23.80
N LEU D 150 -16.87 -25.88 -23.09
CA LEU D 150 -18.28 -25.73 -22.83
C LEU D 150 -18.72 -24.62 -21.88
N GLY D 151 -17.81 -24.01 -21.15
CA GLY D 151 -18.14 -22.91 -20.27
C GLY D 151 -17.72 -21.56 -20.82
N THR D 152 -17.65 -20.56 -19.96
CA THR D 152 -17.28 -19.20 -20.36
C THR D 152 -15.84 -19.19 -20.76
N HIS D 153 -15.51 -18.78 -21.98
CA HIS D 153 -14.10 -18.79 -22.37
C HIS D 153 -13.68 -17.78 -23.43
N VAL D 154 -12.39 -17.49 -23.43
CA VAL D 154 -11.79 -16.63 -24.44
C VAL D 154 -10.69 -17.38 -25.18
N ILE D 155 -10.69 -17.35 -26.50
CA ILE D 155 -9.58 -17.90 -27.28
C ILE D 155 -8.67 -16.73 -27.63
N TRP D 156 -7.53 -16.75 -26.98
CA TRP D 156 -6.49 -15.74 -27.09
C TRP D 156 -5.46 -16.00 -28.19
N ASP D 157 -5.43 -15.12 -29.17
CA ASP D 157 -4.39 -15.20 -30.18
C ASP D 157 -3.21 -14.30 -29.88
N ILE D 158 -2.02 -14.87 -29.70
CA ILE D 158 -0.82 -14.10 -29.42
C ILE D 158 -0.32 -13.29 -30.62
N GLY D 159 -0.01 -12.02 -30.40
CA GLY D 159 0.40 -11.10 -31.46
C GLY D 159 0.82 -9.72 -30.91
N LEU D 160 0.79 -8.58 -31.62
CA LEU D 160 1.27 -7.30 -31.06
C LEU D 160 0.64 -6.85 -29.76
N GLN D 161 -0.66 -7.07 -29.61
CA GLN D 161 -1.29 -6.82 -28.33
C GLN D 161 -0.95 -8.03 -27.50
N SER D 162 0.06 -7.78 -26.69
CA SER D 162 0.67 -8.78 -25.81
C SER D 162 -0.15 -9.55 -24.79
N SER D 163 -1.20 -8.86 -24.36
CA SER D 163 -2.01 -9.33 -23.25
C SER D 163 -3.45 -9.61 -23.59
N CYS D 164 -4.09 -10.52 -22.87
CA CYS D 164 -5.49 -10.82 -23.07
C CYS D 164 -6.28 -10.88 -21.77
N THR D 165 -7.50 -10.34 -21.75
CA THR D 165 -8.30 -10.32 -20.53
C THR D 165 -9.55 -11.19 -20.63
N MET D 166 -9.69 -12.12 -19.71
CA MET D 166 -10.93 -12.87 -19.58
C MET D 166 -11.75 -12.31 -18.41
N VAL D 167 -13.00 -11.90 -18.65
CA VAL D 167 -13.83 -11.49 -17.53
C VAL D 167 -14.61 -12.68 -16.97
N VAL D 168 -14.50 -12.91 -15.66
CA VAL D 168 -15.29 -13.90 -14.94
C VAL D 168 -16.56 -13.21 -14.45
N PRO D 169 -17.69 -13.43 -15.11
CA PRO D 169 -18.93 -12.70 -14.84
C PRO D 169 -19.53 -13.10 -13.51
N TRP D 170 -20.11 -12.21 -12.71
CA TRP D 170 -20.80 -12.66 -11.49
C TRP D 170 -21.97 -13.61 -11.77
N ILE D 171 -21.71 -14.88 -11.57
CA ILE D 171 -22.72 -15.93 -11.66
C ILE D 171 -22.75 -16.69 -10.33
N SER D 172 -23.70 -16.33 -9.48
CA SER D 172 -23.83 -16.93 -8.16
C SER D 172 -25.27 -17.18 -7.80
N ASN D 173 -25.55 -18.10 -6.90
CA ASN D 173 -26.90 -18.26 -6.39
C ASN D 173 -27.18 -17.25 -5.28
N THR D 174 -26.26 -17.13 -4.35
CA THR D 174 -26.37 -16.17 -3.27
C THR D 174 -25.99 -14.76 -3.70
N THR D 175 -26.51 -13.77 -3.00
CA THR D 175 -26.25 -12.36 -3.32
C THR D 175 -24.80 -11.93 -3.05
N TYR D 176 -24.22 -12.64 -2.10
CA TYR D 176 -22.82 -12.50 -1.69
C TYR D 176 -22.20 -13.86 -1.38
N ARG D 177 -20.95 -14.05 -1.79
CA ARG D 177 -20.19 -15.25 -1.41
C ARG D 177 -19.35 -15.01 -0.16
N GLN D 178 -18.93 -16.06 0.53
CA GLN D 178 -18.10 -15.89 1.72
C GLN D 178 -16.62 -15.81 1.38
N THR D 179 -15.80 -15.17 2.19
CA THR D 179 -14.36 -15.11 1.96
C THR D 179 -13.56 -16.29 2.51
N ILE D 180 -14.21 -17.43 2.64
CA ILE D 180 -13.57 -18.67 3.09
C ILE D 180 -13.90 -19.81 2.15
N ASP D 181 -13.18 -20.94 2.14
CA ASP D 181 -13.65 -22.09 1.36
C ASP D 181 -14.91 -22.66 1.97
N ASP D 182 -16.01 -22.64 1.23
CA ASP D 182 -17.29 -23.13 1.66
C ASP D 182 -18.09 -23.63 0.48
N SER D 183 -18.44 -24.91 0.38
CA SER D 183 -19.20 -25.43 -0.75
C SER D 183 -20.50 -24.75 -1.10
N PHE D 184 -21.23 -24.26 -0.10
CA PHE D 184 -22.46 -23.54 -0.36
C PHE D 184 -22.25 -22.28 -1.20
N THR D 185 -21.11 -21.61 -1.04
CA THR D 185 -20.86 -20.41 -1.81
C THR D 185 -19.65 -20.58 -2.74
N GLU D 186 -19.45 -21.79 -3.27
CA GLU D 186 -18.35 -22.04 -4.18
C GLU D 186 -18.48 -21.29 -5.52
N GLY D 187 -17.39 -20.74 -6.04
CA GLY D 187 -17.43 -19.97 -7.27
C GLY D 187 -17.09 -20.63 -8.58
N GLY D 188 -16.49 -21.82 -8.64
CA GLY D 188 -16.19 -22.44 -9.93
C GLY D 188 -14.71 -22.56 -10.27
N TYR D 189 -14.42 -22.81 -11.54
CA TYR D 189 -13.09 -23.14 -11.98
C TYR D 189 -12.47 -22.37 -13.12
N ILE D 190 -11.28 -21.83 -12.93
CA ILE D 190 -10.52 -21.19 -14.00
C ILE D 190 -9.44 -22.18 -14.47
N SER D 191 -9.33 -22.36 -15.78
CA SER D 191 -8.32 -23.22 -16.36
C SER D 191 -7.81 -22.68 -17.68
N VAL D 192 -6.52 -22.87 -17.98
CA VAL D 192 -5.97 -22.40 -19.23
C VAL D 192 -5.47 -23.58 -20.07
N PHE D 193 -5.68 -23.51 -21.37
CA PHE D 193 -5.32 -24.57 -22.31
C PHE D 193 -4.60 -24.12 -23.57
N TYR D 194 -3.88 -25.02 -24.27
CA TYR D 194 -3.34 -24.67 -25.58
C TYR D 194 -4.41 -24.88 -26.65
N GLN D 195 -4.87 -23.88 -27.40
CA GLN D 195 -5.88 -24.11 -28.45
C GLN D 195 -5.24 -24.80 -29.66
N THR D 196 -4.14 -24.25 -30.13
CA THR D 196 -3.33 -24.88 -31.17
C THR D 196 -2.03 -25.28 -30.46
N ARG D 197 -0.90 -24.61 -30.63
CA ARG D 197 0.31 -24.80 -29.84
C ARG D 197 1.21 -23.56 -29.97
N ILE D 198 2.24 -23.41 -29.14
CA ILE D 198 3.16 -22.29 -29.32
C ILE D 198 4.11 -22.69 -30.45
N VAL D 199 4.27 -21.85 -31.46
CA VAL D 199 5.20 -22.16 -32.54
C VAL D 199 6.30 -21.12 -32.62
N VAL D 200 7.56 -21.59 -32.54
CA VAL D 200 8.72 -20.72 -32.72
C VAL D 200 9.50 -21.08 -33.99
N PRO D 201 10.30 -20.21 -34.58
CA PRO D 201 11.22 -20.60 -35.65
C PRO D 201 12.51 -21.16 -35.06
N LEU D 202 13.50 -21.45 -35.89
CA LEU D 202 14.80 -21.83 -35.36
C LEU D 202 15.50 -20.62 -34.74
N SER D 203 16.55 -20.82 -33.94
CA SER D 203 17.30 -19.75 -33.25
C SER D 203 16.48 -18.94 -32.27
N THR D 204 15.34 -19.46 -31.89
CA THR D 204 14.41 -18.83 -30.98
C THR D 204 14.26 -19.70 -29.74
N PRO D 205 14.18 -19.20 -28.51
CA PRO D 205 13.83 -19.98 -27.35
C PRO D 205 12.52 -20.71 -27.43
N ARG D 206 12.58 -22.03 -27.24
CA ARG D 206 11.40 -22.90 -27.26
C ARG D 206 10.54 -22.92 -26.01
N GLU D 207 11.01 -22.22 -24.99
CA GLU D 207 10.29 -22.10 -23.72
C GLU D 207 10.17 -20.64 -23.30
N MET D 208 9.00 -20.29 -22.79
CA MET D 208 8.74 -18.93 -22.39
C MET D 208 7.77 -18.84 -21.23
N ASP D 209 7.68 -17.67 -20.61
CA ASP D 209 6.75 -17.50 -19.53
C ASP D 209 5.55 -16.62 -19.84
N ILE D 210 4.44 -16.95 -19.21
CA ILE D 210 3.35 -15.99 -19.20
C ILE D 210 3.12 -15.61 -17.74
N LEU D 211 2.69 -14.38 -17.57
CA LEU D 211 2.37 -13.86 -16.26
C LEU D 211 0.86 -13.59 -16.19
N GLY D 212 0.25 -13.74 -15.03
CA GLY D 212 -1.19 -13.49 -14.92
C GLY D 212 -1.53 -12.46 -13.86
N PHE D 213 -2.56 -11.69 -14.12
CA PHE D 213 -2.98 -10.63 -13.20
C PHE D 213 -4.46 -10.72 -12.86
N VAL D 214 -4.85 -10.36 -11.66
CA VAL D 214 -6.28 -10.33 -11.33
C VAL D 214 -6.68 -8.98 -10.79
N SER D 215 -7.87 -8.57 -11.16
CA SER D 215 -8.47 -7.36 -10.58
C SER D 215 -9.98 -7.40 -10.60
N ALA D 216 -10.60 -6.53 -9.82
CA ALA D 216 -12.05 -6.48 -9.78
C ALA D 216 -12.74 -5.56 -10.79
N CYS D 217 -13.87 -5.99 -11.34
CA CYS D 217 -14.68 -5.15 -12.20
C CYS D 217 -15.47 -4.11 -11.40
N ASN D 218 -15.92 -3.00 -11.97
CA ASN D 218 -16.71 -1.98 -11.26
C ASN D 218 -18.01 -2.33 -10.53
N ASP D 219 -18.43 -3.57 -10.63
CA ASP D 219 -19.66 -4.05 -9.97
C ASP D 219 -19.33 -4.84 -8.71
N PHE D 220 -18.08 -4.76 -8.30
CA PHE D 220 -17.58 -5.56 -7.20
C PHE D 220 -17.67 -4.85 -5.86
N SER D 221 -18.19 -5.55 -4.86
CA SER D 221 -18.24 -5.00 -3.53
C SER D 221 -17.98 -6.05 -2.45
N VAL D 222 -17.57 -5.57 -1.28
CA VAL D 222 -17.32 -6.43 -0.13
C VAL D 222 -18.07 -5.93 1.09
N ARG D 223 -18.43 -6.76 2.06
CA ARG D 223 -19.07 -6.28 3.28
C ARG D 223 -18.77 -7.13 4.51
N LEU D 224 -19.24 -6.67 5.67
CA LEU D 224 -18.96 -7.16 7.02
C LEU D 224 -17.46 -7.24 7.34
N LEU D 225 -16.97 -6.09 7.76
CA LEU D 225 -15.57 -5.95 8.15
C LEU D 225 -15.17 -6.92 9.25
N ARG D 226 -14.01 -7.55 9.05
CA ARG D 226 -13.49 -8.52 9.99
C ARG D 226 -11.97 -8.48 10.08
N ASP D 227 -11.40 -9.13 11.09
CA ASP D 227 -9.97 -9.25 11.18
C ASP D 227 -9.35 -10.33 10.28
N THR D 228 -8.21 -10.01 9.70
CA THR D 228 -7.52 -10.96 8.83
C THR D 228 -6.72 -12.05 9.52
N THR D 229 -6.66 -13.23 8.92
CA THR D 229 -5.70 -14.24 9.38
C THR D 229 -4.32 -14.04 8.80
N HIS D 230 -4.10 -13.04 7.93
CA HIS D 230 -2.84 -12.89 7.26
C HIS D 230 -1.75 -12.13 8.01
N ILE D 231 -1.98 -11.80 9.26
CA ILE D 231 -0.99 -11.15 10.12
C ILE D 231 -1.33 -11.57 11.54
N GLU D 232 -0.33 -11.71 12.37
CA GLU D 232 -0.56 -12.09 13.76
C GLU D 232 0.55 -11.68 14.70
N GLN D 233 0.43 -11.96 15.98
CA GLN D 233 1.44 -11.53 16.94
C GLN D 233 1.57 -12.47 18.11
N LYS D 234 2.32 -13.56 17.96
CA LYS D 234 2.51 -14.49 19.07
C LYS D 234 3.43 -13.83 20.10
N ALA D 235 2.80 -13.44 21.20
CA ALA D 235 3.35 -12.76 22.37
C ALA D 235 3.60 -11.26 22.22
N GLY E 1 -29.39 24.57 16.03
CA GLY E 1 -28.21 24.00 15.38
C GLY E 1 -28.28 22.50 15.06
N ALA E 2 -29.45 21.89 15.12
CA ALA E 2 -29.57 20.46 14.82
C ALA E 2 -29.42 20.10 13.37
N GLN E 3 -28.68 19.04 13.12
CA GLN E 3 -28.45 18.51 11.81
C GLN E 3 -29.32 17.30 11.51
N VAL E 4 -30.14 17.29 10.45
CA VAL E 4 -31.02 16.18 10.17
C VAL E 4 -30.74 15.48 8.86
N SER E 5 -30.48 14.18 8.92
CA SER E 5 -30.10 13.46 7.71
C SER E 5 -30.85 12.16 7.45
N SER E 6 -30.86 11.68 6.21
CA SER E 6 -31.49 10.41 5.87
C SER E 6 -30.73 9.16 6.23
N GLN E 7 -31.45 8.16 6.73
CA GLN E 7 -30.88 6.85 6.91
C GLN E 7 -31.06 6.03 5.64
N LYS E 8 -30.07 5.31 5.12
CA LYS E 8 -30.36 4.37 4.01
C LYS E 8 -31.04 3.13 4.61
N VAL E 9 -32.37 3.07 4.55
CA VAL E 9 -33.04 1.96 5.23
C VAL E 9 -33.01 0.57 4.58
N GLY E 10 -32.23 -0.34 5.21
CA GLY E 10 -32.16 -1.75 4.81
C GLY E 10 -33.41 -2.60 5.08
N ALA E 11 -33.43 -3.50 6.10
CA ALA E 11 -34.64 -4.25 6.44
C ALA E 11 -35.80 -3.40 7.05
N HIS E 12 -36.89 -3.36 6.29
CA HIS E 12 -38.09 -2.59 6.63
C HIS E 12 -39.10 -3.38 7.47
N GLU E 13 -39.61 -2.76 8.50
CA GLU E 13 -40.71 -3.30 9.28
C GLU E 13 -42.01 -3.43 8.45
N ASN E 14 -43.04 -4.23 8.74
CA ASN E 14 -44.35 -4.05 8.05
C ASN E 14 -45.07 -2.73 8.46
N SER E 15 -44.36 -1.59 8.45
CA SER E 15 -44.85 -0.34 9.02
C SER E 15 -45.38 0.78 8.14
N SER E 22 -41.38 6.76 1.76
CA SER E 22 -41.28 7.61 2.97
C SER E 22 -39.87 7.56 3.61
N THR E 23 -39.10 8.66 3.60
CA THR E 23 -37.73 8.63 4.16
C THR E 23 -37.59 8.59 5.70
N ILE E 24 -36.70 7.77 6.30
CA ILE E 24 -36.50 7.84 7.74
C ILE E 24 -35.26 8.67 8.09
N ASN E 25 -35.37 9.57 9.07
CA ASN E 25 -34.27 10.44 9.41
C ASN E 25 -33.64 10.22 10.77
N TYR E 26 -32.46 10.79 10.96
CA TYR E 26 -31.87 10.84 12.27
C TYR E 26 -31.30 12.22 12.56
N THR E 27 -31.25 12.57 13.83
CA THR E 27 -30.84 13.89 14.26
C THR E 27 -29.52 13.90 14.97
N THR E 28 -28.71 14.90 14.67
CA THR E 28 -27.38 15.06 15.27
C THR E 28 -27.14 16.46 15.79
N ILE E 29 -26.67 16.61 17.02
CA ILE E 29 -26.26 17.92 17.55
C ILE E 29 -24.84 17.87 18.10
N ASN E 30 -23.95 18.77 17.69
CA ASN E 30 -22.61 18.82 18.22
C ASN E 30 -22.53 19.64 19.50
N TYR E 31 -22.04 18.98 20.53
CA TYR E 31 -21.92 19.54 21.87
C TYR E 31 -20.62 20.27 22.18
N TYR E 32 -19.61 20.07 21.35
CA TYR E 32 -18.30 20.62 21.61
C TYR E 32 -17.75 21.61 20.58
N ARG E 33 -16.96 22.59 21.03
CA ARG E 33 -16.34 23.55 20.11
C ARG E 33 -15.30 22.99 19.16
N ASP E 34 -14.53 21.98 19.56
CA ASP E 34 -13.51 21.43 18.69
C ASP E 34 -14.00 20.36 17.71
N SER E 35 -13.81 20.49 16.40
CA SER E 35 -14.19 19.45 15.42
C SER E 35 -13.71 18.06 15.74
N ALA E 36 -12.52 17.95 16.36
CA ALA E 36 -12.00 16.66 16.76
C ALA E 36 -12.94 15.88 17.69
N SER E 37 -13.71 16.58 18.51
CA SER E 37 -14.68 15.93 19.36
C SER E 37 -15.86 15.31 18.64
N ASN E 38 -16.11 15.76 17.43
CA ASN E 38 -17.23 15.27 16.64
C ASN E 38 -17.17 13.81 16.24
N ALA E 39 -18.33 13.19 16.19
CA ALA E 39 -18.43 11.83 15.66
C ALA E 39 -18.10 11.73 14.17
N ALA E 40 -18.04 10.55 13.61
CA ALA E 40 -17.83 10.39 12.20
C ALA E 40 -19.14 10.50 11.43
N SER E 41 -19.25 11.48 10.55
CA SER E 41 -20.43 11.63 9.69
C SER E 41 -20.90 10.45 8.86
N LYS E 42 -19.91 9.68 8.38
CA LYS E 42 -20.05 8.58 7.43
C LYS E 42 -20.70 8.97 6.09
N GLN E 43 -20.90 10.27 5.86
CA GLN E 43 -21.45 10.76 4.63
C GLN E 43 -20.29 10.99 3.67
N ASP E 44 -19.73 9.89 3.23
CA ASP E 44 -18.54 9.95 2.41
C ASP E 44 -18.63 9.83 0.91
N PHE E 45 -17.66 10.39 0.21
CA PHE E 45 -17.67 10.30 -1.24
C PHE E 45 -16.81 9.24 -1.88
N SER E 46 -17.15 8.93 -3.11
CA SER E 46 -16.46 7.91 -3.88
C SER E 46 -15.74 8.57 -5.01
N GLN E 47 -14.61 8.02 -5.44
CA GLN E 47 -13.96 8.60 -6.60
C GLN E 47 -13.65 7.54 -7.62
N ASP E 48 -13.32 8.00 -8.81
CA ASP E 48 -12.95 7.12 -9.90
C ASP E 48 -11.53 6.54 -9.76
N PRO E 49 -11.26 5.24 -9.97
CA PRO E 49 -9.95 4.64 -9.69
C PRO E 49 -8.84 5.01 -10.68
N SER E 50 -9.19 5.74 -11.74
CA SER E 50 -8.25 6.13 -12.79
C SER E 50 -6.81 6.51 -12.48
N LYS E 51 -6.58 7.32 -11.43
CA LYS E 51 -5.20 7.71 -11.06
C LYS E 51 -4.33 6.51 -10.72
N PHE E 52 -4.95 5.39 -10.37
CA PHE E 52 -4.25 4.15 -10.12
C PHE E 52 -4.41 3.13 -11.25
N THR E 53 -5.63 2.94 -11.73
CA THR E 53 -5.90 1.95 -12.79
C THR E 53 -5.51 2.33 -14.21
N GLU E 54 -5.56 3.62 -14.51
CA GLU E 54 -5.22 4.13 -15.83
C GLU E 54 -4.25 5.33 -15.85
N PRO E 55 -3.07 5.34 -15.19
CA PRO E 55 -2.23 6.52 -15.05
C PRO E 55 -1.49 6.88 -16.33
N ILE E 56 -1.92 6.47 -17.52
CA ILE E 56 -1.19 6.72 -18.74
C ILE E 56 -1.47 8.09 -19.32
N LYS E 57 -0.45 8.72 -19.88
CA LYS E 57 -0.59 10.03 -20.49
C LYS E 57 -1.62 10.06 -21.60
N ASP E 58 -1.62 9.11 -22.53
CA ASP E 58 -2.66 9.10 -23.55
C ASP E 58 -3.88 8.26 -23.22
N VAL E 59 -5.00 8.90 -22.89
CA VAL E 59 -6.28 8.24 -22.60
C VAL E 59 -6.64 6.97 -23.41
N LEU E 60 -6.89 5.87 -22.70
CA LEU E 60 -7.18 4.63 -23.42
C LEU E 60 -8.63 4.40 -23.87
N ILE E 61 -8.89 3.89 -25.06
CA ILE E 61 -10.25 3.49 -25.40
C ILE E 61 -10.35 1.97 -25.35
N LYS E 62 -11.07 1.33 -24.41
CA LYS E 62 -11.07 -0.15 -24.34
C LYS E 62 -11.38 -0.95 -25.60
N THR E 63 -12.17 -0.46 -26.55
CA THR E 63 -12.43 -1.19 -27.78
C THR E 63 -11.32 -1.12 -28.82
N ALA E 64 -10.43 -0.15 -28.65
CA ALA E 64 -9.32 0.07 -29.55
C ALA E 64 -8.04 -0.68 -29.18
N PRO E 65 -7.05 -0.96 -30.05
CA PRO E 65 -5.79 -1.57 -29.67
C PRO E 65 -5.00 -0.75 -28.67
N MET E 66 -4.73 -1.24 -27.45
CA MET E 66 -3.91 -0.53 -26.47
C MET E 66 -2.61 0.00 -27.04
N LEU E 67 -2.00 -0.78 -27.91
CA LEU E 67 -0.83 -0.33 -28.64
C LEU E 67 -1.09 -0.11 -30.12
N ASN E 68 -0.60 1.00 -30.58
CA ASN E 68 -0.78 1.40 -31.95
C ASN E 68 0.30 2.40 -32.40
C1 J80 F . -5.23 12.32 29.15
C2 J80 F . -4.76 12.38 27.72
C3 J80 F . -4.82 13.56 27.04
C4 J80 F . -4.29 13.61 25.76
C5 J80 F . -3.71 12.49 25.18
N4 J80 F . -3.69 11.37 25.93
N3 J80 F . -4.19 11.30 27.17
N6 J80 F . -3.10 12.55 23.99
C7 J80 F . -2.91 13.85 23.31
C8 J80 F . -1.92 13.88 22.14
C9 J80 F . -1.33 12.59 21.64
C10 J80 F . -2.23 11.41 21.94
C11 J80 F . -2.60 11.28 23.40
C12 J80 F . -1.05 12.73 20.16
C13 J80 F . -0.35 11.51 19.60
C14 J80 F . -0.55 11.39 18.13
C15 J80 F . -0.27 9.93 17.88
O16 J80 F . -0.91 9.52 16.68
C17 J80 F . -0.19 8.69 15.91
C18 J80 F . 0.24 9.23 14.71
C19 J80 F . 1.38 8.72 14.07
C20 J80 F . 2.08 7.67 14.63
C21 J80 F . 1.65 7.11 15.85
C22 J80 F . 0.51 7.62 16.48
C23 J80 F . 3.25 7.20 14.06
O24 J80 F . 3.70 7.74 13.03
O25 J80 F . 3.84 6.00 14.64
C26 J80 F . 5.19 5.72 14.41
C27 J80 F . 6.39 6.31 15.19
C1 MYR G . -29.73 24.23 17.27
O1 MYR G . -29.10 23.37 17.83
C2 MYR G . -30.91 24.89 17.91
C3 MYR G . -31.82 23.92 18.66
C4 MYR G . -31.26 23.33 19.95
C5 MYR G . -32.16 22.20 20.44
C6 MYR G . -31.86 21.67 21.85
C7 MYR G . -30.46 21.05 21.95
C8 MYR G . -30.35 19.99 23.06
C9 MYR G . -29.41 20.42 24.17
C10 MYR G . -28.00 20.70 23.65
C11 MYR G . -27.23 21.42 24.73
C12 MYR G . -25.91 21.97 24.24
C13 MYR G . -24.74 20.99 24.32
C14 MYR G . -23.53 21.60 25.06
#